data_5L7R
#
_entry.id   5L7R
#
_cell.length_a   55.269
_cell.length_b   147.794
_cell.length_c   150.500
_cell.angle_alpha   90.000
_cell.angle_beta   90.000
_cell.angle_gamma   90.000
#
_symmetry.space_group_name_H-M   'P 21 21 21'
#
loop_
_entity.id
_entity.type
_entity.pdbx_description
1 polymer 'glycoside hydrolase'
2 non-polymer 1,2-ETHANEDIOL
3 water water
#
_entity_poly.entity_id   1
_entity_poly.type   'polypeptide(L)'
_entity_poly.pdbx_seq_one_letter_code
;MHHHHHHLEVLFQGPQTSEYYQEAANPIATNPALWAKVTAPQISWGSTDIRYKKEEPAPIHSAQKSMNLTAWKGEKISAQ
LVVWTPKVLNDLTFMVSDLTSGSATISKENIRTGFVRYVITDELNKDGLGACGYRNSADFDSTLVADVIDHITPTLTLPA
NSTQGGWISVNIPQGTKAGKYTGTVTVKADGITLSELKLNLQVKNRTLPPPSEWAFHLDLWQNPYAVSRYYNVEPFSKKH
FDLMRPLMKLYADAGGKVITASIMHKPWNGQTYDAFESMVTWLKKADGTWYFDYTVFDKWVEFMMDLGVKKQISCYSMVP
WRLSFQYFDQASNSFKFLDAKPGEVAYEEFWMNMLQDFSKHLKAKGWFDITHIAMDERPMKDMQETLKVIRKADKDFKVS
LAGTYHKELLDDLNDYCITIAEKFTPEEIEARRKAGKVTTYYTCCTEPRPNTFTFSEPAEAEWLAWHSAKENLDGYLRWA
LNSWVKNPLQDSRFTAWAAGDTYMIYPGARSSIRLERLTEGIQFFEKVRILKEEFEEKGNKGAIKNIDKTLKMFDESSMD
KISPTTAVNKAKKVINRY
;
_entity_poly.pdbx_strand_id   A,B
#
loop_
_chem_comp.id
_chem_comp.type
_chem_comp.name
_chem_comp.formula
EDO non-polymer 1,2-ETHANEDIOL 'C2 H6 O2'
#
# COMPACT_ATOMS: atom_id res chain seq x y z
N GLN A 16 33.97 -0.21 -17.09
CA GLN A 16 34.43 0.19 -15.74
C GLN A 16 33.90 1.62 -15.38
N THR A 17 34.37 2.62 -16.11
CA THR A 17 33.99 4.04 -15.91
C THR A 17 32.46 4.34 -16.09
N SER A 18 31.80 3.67 -17.03
CA SER A 18 30.39 3.94 -17.24
C SER A 18 29.55 3.27 -16.16
N GLU A 19 30.16 2.47 -15.25
CA GLU A 19 29.49 1.93 -14.07
C GLU A 19 29.72 2.78 -12.86
N TYR A 20 30.46 3.89 -12.95
CA TYR A 20 30.63 4.73 -11.76
C TYR A 20 29.27 5.42 -11.50
N TYR A 21 29.02 5.80 -10.26
CA TYR A 21 27.73 6.38 -9.87
C TYR A 21 27.81 7.14 -8.57
N GLN A 22 26.82 7.98 -8.31
CA GLN A 22 26.68 8.69 -7.03
C GLN A 22 25.51 8.10 -6.26
N GLU A 23 25.65 8.06 -4.95
CA GLU A 23 24.62 7.62 -4.04
C GLU A 23 23.55 8.71 -3.94
N ALA A 24 22.40 8.36 -3.41
CA ALA A 24 21.38 9.31 -3.05
C ALA A 24 21.88 10.11 -1.88
N ALA A 25 21.28 11.29 -1.72
CA ALA A 25 21.48 12.09 -0.53
C ALA A 25 21.03 11.35 0.73
N ASN A 26 21.76 11.54 1.82
CA ASN A 26 21.36 10.93 3.07
C ASN A 26 20.07 11.58 3.60
N PRO A 27 19.04 10.75 3.89
CA PRO A 27 17.88 11.34 4.53
C PRO A 27 18.14 11.87 5.96
N ILE A 28 19.21 11.42 6.61
CA ILE A 28 19.50 11.77 8.01
C ILE A 28 20.66 12.76 7.97
N ALA A 29 20.45 13.97 8.51
CA ALA A 29 21.50 14.96 8.65
C ALA A 29 22.63 14.42 9.53
N THR A 30 23.82 14.91 9.26
CA THR A 30 24.99 14.61 10.07
C THR A 30 25.02 15.56 11.24
N ASN A 31 25.07 15.01 12.43
CA ASN A 31 25.17 15.79 13.65
C ASN A 31 26.66 15.97 13.97
N PRO A 32 27.17 17.22 13.86
CA PRO A 32 28.59 17.38 14.13
C PRO A 32 28.99 17.04 15.57
N ALA A 33 28.12 17.25 16.56
CA ALA A 33 28.40 16.84 17.95
C ALA A 33 28.81 15.37 18.10
N LEU A 34 28.13 14.48 17.43
CA LEU A 34 28.56 13.07 17.37
C LEU A 34 30.00 12.83 16.91
N TRP A 35 30.55 13.76 16.12
CA TRP A 35 31.92 13.63 15.57
C TRP A 35 33.02 14.33 16.38
N ALA A 36 32.64 14.98 17.49
CA ALA A 36 33.59 15.80 18.25
C ALA A 36 34.75 15.01 18.81
N LYS A 37 34.48 13.83 19.33
CA LYS A 37 35.55 12.92 19.75
C LYS A 37 36.53 12.46 18.64
N VAL A 38 36.11 12.46 17.37
CA VAL A 38 36.96 12.01 16.28
C VAL A 38 38.03 13.08 15.90
N THR A 39 39.27 12.83 16.31
CA THR A 39 40.43 13.75 16.20
C THR A 39 41.20 13.71 14.90
N ALA A 40 41.17 12.54 14.28
CA ALA A 40 41.85 12.26 13.02
C ALA A 40 41.16 11.06 12.37
N PRO A 41 41.40 10.83 11.08
CA PRO A 41 40.80 9.67 10.43
C PRO A 41 41.16 8.40 11.19
N GLN A 42 40.19 7.49 11.30
CA GLN A 42 40.37 6.22 11.96
C GLN A 42 40.21 5.08 10.96
N ILE A 43 41.01 4.05 11.12
CA ILE A 43 40.95 2.90 10.19
C ILE A 43 40.99 1.66 11.07
N SER A 44 39.98 0.79 10.97
CA SER A 44 39.90 -0.41 11.82
C SER A 44 39.27 -1.56 11.08
N TRP A 45 39.66 -2.77 11.43
CA TRP A 45 38.83 -3.91 11.09
C TRP A 45 37.47 -3.69 11.77
N GLY A 46 36.39 -3.99 11.04
CA GLY A 46 35.05 -4.09 11.64
C GLY A 46 34.50 -5.51 11.54
N SER A 47 33.20 -5.63 11.30
CA SER A 47 32.54 -6.93 11.27
C SER A 47 31.68 -7.08 9.98
N THR A 48 31.68 -8.25 9.37
CA THR A 48 30.75 -8.50 8.27
C THR A 48 29.32 -8.69 8.74
N ASP A 49 29.09 -8.62 10.07
CA ASP A 49 27.72 -8.61 10.65
C ASP A 49 27.09 -7.24 10.69
N ILE A 50 27.83 -6.20 10.34
CA ILE A 50 27.41 -4.82 10.62
C ILE A 50 27.34 -4.03 9.35
N ARG A 51 26.24 -3.28 9.22
CA ARG A 51 26.10 -2.25 8.17
C ARG A 51 26.43 -0.93 8.87
N TYR A 52 27.57 -0.33 8.56
CA TYR A 52 28.03 0.90 9.27
C TYR A 52 27.28 2.06 8.76
N LYS A 53 26.68 2.86 9.64
CA LYS A 53 26.05 4.12 9.18
C LYS A 53 27.07 5.11 8.60
N LYS A 54 26.70 5.74 7.47
CA LYS A 54 27.47 6.74 6.78
C LYS A 54 27.77 7.99 7.62
N GLU A 55 26.78 8.45 8.38
CA GLU A 55 26.77 9.79 8.97
C GLU A 55 27.15 9.84 10.45
N GLU A 56 27.54 8.70 11.00
CA GLU A 56 27.92 8.61 12.39
C GLU A 56 29.25 7.94 12.40
N PRO A 57 30.09 8.26 13.37
CA PRO A 57 31.32 7.52 13.55
C PRO A 57 31.11 6.03 13.72
N ALA A 58 32.05 5.21 13.26
CA ALA A 58 31.94 3.77 13.44
C ALA A 58 31.87 3.42 14.95
N PRO A 59 30.94 2.54 15.38
CA PRO A 59 30.83 2.17 16.78
C PRO A 59 31.94 1.25 17.25
N ILE A 60 33.18 1.69 17.12
CA ILE A 60 34.32 0.85 17.38
C ILE A 60 35.10 1.56 18.45
N HIS A 61 35.16 0.98 19.64
CA HIS A 61 35.61 1.71 20.84
C HIS A 61 37.09 2.19 20.65
N SER A 62 37.94 1.32 20.08
CA SER A 62 39.26 1.69 19.55
C SER A 62 39.71 0.71 18.43
N ALA A 63 40.54 1.22 17.52
CA ALA A 63 40.88 0.54 16.29
C ALA A 63 41.48 -0.88 16.50
N GLN A 64 40.97 -1.85 15.72
CA GLN A 64 41.50 -3.19 15.72
C GLN A 64 42.33 -3.34 14.45
N LYS A 65 43.59 -3.70 14.66
CA LYS A 65 44.62 -3.70 13.64
C LYS A 65 44.89 -5.08 13.07
N SER A 66 44.46 -6.13 13.75
CA SER A 66 44.71 -7.48 13.29
C SER A 66 43.39 -8.20 13.17
N MET A 67 43.22 -8.97 12.08
CA MET A 67 42.04 -9.81 11.87
C MET A 67 42.50 -11.28 11.72
N ASN A 68 41.91 -12.20 12.47
CA ASN A 68 42.21 -13.63 12.34
C ASN A 68 41.02 -14.31 11.74
N LEU A 69 41.23 -15.00 10.63
CA LEU A 69 40.20 -15.72 9.91
C LEU A 69 40.62 -17.15 9.92
N THR A 70 39.65 -18.04 9.67
CA THR A 70 39.93 -19.47 9.53
C THR A 70 39.05 -20.01 8.41
N ALA A 71 39.62 -20.91 7.61
CA ALA A 71 38.91 -21.43 6.46
C ALA A 71 39.49 -22.71 5.91
N TRP A 72 38.68 -23.34 5.10
CA TRP A 72 39.08 -24.46 4.27
C TRP A 72 39.73 -23.98 2.98
N LYS A 73 40.58 -24.84 2.45
CA LYS A 73 41.05 -24.70 1.10
C LYS A 73 39.79 -24.64 0.24
N GLY A 74 39.80 -23.89 -0.83
CA GLY A 74 38.62 -23.83 -1.69
C GLY A 74 37.58 -22.85 -1.22
N GLU A 75 37.64 -22.37 0.02
CA GLU A 75 36.56 -21.53 0.54
C GLU A 75 36.73 -20.05 0.18
N LYS A 76 35.61 -19.35 0.03
CA LYS A 76 35.60 -17.89 -0.09
C LYS A 76 35.16 -17.27 1.23
N ILE A 77 36.01 -16.41 1.78
CA ILE A 77 35.80 -15.85 3.12
C ILE A 77 35.94 -14.33 3.06
N SER A 78 35.13 -13.62 3.84
CA SER A 78 35.11 -12.16 3.83
C SER A 78 35.57 -11.51 5.15
N ALA A 79 35.97 -10.24 5.04
CA ALA A 79 36.15 -9.37 6.18
C ALA A 79 35.77 -7.97 5.76
N GLN A 80 35.35 -7.17 6.72
CA GLN A 80 35.04 -5.76 6.48
C GLN A 80 35.97 -4.88 7.34
N LEU A 81 36.60 -3.90 6.70
CA LEU A 81 37.32 -2.83 7.38
C LEU A 81 36.42 -1.59 7.28
N VAL A 82 36.68 -0.64 8.16
CA VAL A 82 35.91 0.60 8.19
C VAL A 82 36.82 1.79 8.38
N VAL A 83 36.48 2.84 7.65
CA VAL A 83 37.22 4.08 7.70
C VAL A 83 36.25 5.17 8.07
N TRP A 84 36.61 5.97 9.05
CA TRP A 84 35.78 7.11 9.39
C TRP A 84 36.64 8.33 9.71
N THR A 85 36.15 9.50 9.31
CA THR A 85 37.01 10.68 9.18
C THR A 85 36.30 11.98 9.55
N PRO A 86 36.98 12.85 10.30
CA PRO A 86 36.42 14.15 10.63
C PRO A 86 36.71 15.18 9.56
N LYS A 87 37.41 14.79 8.50
CA LYS A 87 37.81 15.70 7.42
C LYS A 87 37.72 15.00 6.09
N VAL A 88 37.77 15.78 5.04
CA VAL A 88 37.71 15.26 3.68
C VAL A 88 38.95 14.36 3.48
N LEU A 89 38.70 13.19 2.88
CA LEU A 89 39.78 12.28 2.46
C LEU A 89 39.56 12.11 0.97
N ASN A 90 40.49 12.62 0.16
CA ASN A 90 40.30 12.54 -1.31
C ASN A 90 40.80 11.20 -1.80
N ASP A 91 40.08 10.60 -2.75
CA ASP A 91 40.56 9.40 -3.42
C ASP A 91 41.00 8.29 -2.46
N LEU A 92 40.17 7.98 -1.46
CA LEU A 92 40.43 6.88 -0.57
C LEU A 92 40.45 5.59 -1.39
N THR A 93 41.43 4.73 -1.11
CA THR A 93 41.56 3.40 -1.76
C THR A 93 42.05 2.42 -0.74
N PHE A 94 41.96 1.15 -1.08
CA PHE A 94 42.62 0.14 -0.29
C PHE A 94 42.91 -1.06 -1.14
N MET A 95 43.84 -1.89 -0.70
CA MET A 95 44.33 -3.01 -1.50
C MET A 95 44.95 -3.97 -0.56
N VAL A 96 45.09 -5.21 -1.00
CA VAL A 96 45.61 -6.26 -0.13
C VAL A 96 46.78 -6.93 -0.81
N SER A 97 47.82 -7.23 -0.02
CA SER A 97 49.00 -7.94 -0.51
C SER A 97 48.68 -9.40 -0.74
N ASP A 98 49.61 -10.10 -1.38
CA ASP A 98 49.66 -11.54 -1.27
C ASP A 98 49.62 -11.91 0.22
N LEU A 99 49.04 -13.07 0.50
CA LEU A 99 49.16 -13.64 1.82
C LEU A 99 50.25 -14.67 1.74
N THR A 100 51.11 -14.74 2.74
CA THR A 100 52.21 -15.68 2.66
C THR A 100 52.38 -16.49 3.92
N SER A 101 53.06 -17.63 3.78
CA SER A 101 53.18 -18.60 4.84
C SER A 101 54.41 -19.47 4.61
N GLY A 102 55.55 -19.13 5.21
CA GLY A 102 56.82 -19.75 4.88
C GLY A 102 57.03 -19.71 3.37
N SER A 103 57.14 -20.87 2.72
CA SER A 103 57.32 -20.95 1.27
C SER A 103 56.02 -20.89 0.43
N ALA A 104 54.87 -20.89 1.08
CA ALA A 104 53.59 -20.90 0.39
C ALA A 104 53.03 -19.49 0.33
N THR A 105 52.24 -19.23 -0.72
CA THR A 105 51.62 -17.92 -0.89
C THR A 105 50.28 -18.08 -1.57
N ILE A 106 49.27 -17.39 -1.03
CA ILE A 106 48.00 -17.19 -1.71
C ILE A 106 48.20 -15.91 -2.45
N SER A 107 48.11 -16.01 -3.77
CA SER A 107 48.25 -14.86 -4.64
C SER A 107 47.06 -13.85 -4.42
N LYS A 108 47.40 -12.55 -4.46
CA LYS A 108 46.43 -11.48 -4.24
C LYS A 108 45.42 -11.37 -5.36
N GLU A 109 45.72 -11.94 -6.53
CA GLU A 109 44.74 -12.08 -7.64
C GLU A 109 43.47 -12.83 -7.20
N ASN A 110 43.59 -13.64 -6.16
CA ASN A 110 42.44 -14.31 -5.57
C ASN A 110 41.66 -13.47 -4.60
N ILE A 111 42.06 -12.21 -4.42
CA ILE A 111 41.47 -11.37 -3.38
C ILE A 111 40.72 -10.29 -4.09
N ARG A 112 39.49 -10.09 -3.67
CA ARG A 112 38.73 -9.03 -4.23
C ARG A 112 38.29 -8.01 -3.21
N THR A 113 38.32 -6.74 -3.59
CA THR A 113 37.97 -5.62 -2.69
C THR A 113 36.78 -4.87 -3.24
N GLY A 114 36.02 -4.23 -2.36
CA GLY A 114 34.95 -3.35 -2.79
C GLY A 114 34.63 -2.29 -1.75
N PHE A 115 34.24 -1.10 -2.18
CA PHE A 115 33.58 -0.16 -1.28
C PHE A 115 32.13 -0.61 -0.96
N VAL A 116 31.78 -0.57 0.31
CA VAL A 116 30.46 -0.92 0.78
C VAL A 116 29.58 0.34 0.72
N ARG A 117 28.83 0.44 -0.37
CA ARG A 117 28.10 1.65 -0.68
C ARG A 117 26.66 1.61 -0.25
N TYR A 118 26.06 2.77 -0.26
CA TYR A 118 24.83 3.04 0.41
C TYR A 118 23.68 3.15 -0.55
N VAL A 119 22.58 2.50 -0.15
CA VAL A 119 21.33 2.48 -0.89
C VAL A 119 20.25 2.99 0.08
N ILE A 120 19.27 3.71 -0.44
CA ILE A 120 18.10 4.07 0.34
C ILE A 120 17.29 2.77 0.62
N THR A 121 16.87 2.64 1.86
CA THR A 121 15.99 1.56 2.34
C THR A 121 14.83 2.11 3.12
N ASP A 122 13.83 1.28 3.42
CA ASP A 122 12.73 1.73 4.32
C ASP A 122 12.68 0.95 5.65
N GLU A 123 11.74 0.05 5.85
CA GLU A 123 11.55 -0.64 7.13
C GLU A 123 10.50 -1.69 6.92
N LEU A 124 10.26 -2.52 7.93
CA LEU A 124 9.13 -3.48 7.87
C LEU A 124 7.80 -2.69 7.83
N ASN A 125 6.70 -3.37 7.59
CA ASN A 125 5.36 -2.76 7.89
C ASN A 125 5.40 -2.16 9.29
N LYS A 126 4.54 -1.17 9.57
CA LYS A 126 4.61 -0.48 10.85
C LYS A 126 4.41 -1.35 12.08
N ASP A 127 3.65 -2.42 11.96
CA ASP A 127 3.48 -3.33 13.10
C ASP A 127 4.72 -4.19 13.38
N GLY A 128 5.71 -4.20 12.49
CA GLY A 128 6.90 -5.04 12.65
C GLY A 128 6.68 -6.51 12.41
N LEU A 129 5.49 -6.91 11.93
CA LEU A 129 5.12 -8.32 11.85
C LEU A 129 5.26 -8.92 10.44
N GLY A 130 5.45 -8.09 9.43
CA GLY A 130 5.64 -8.57 8.07
C GLY A 130 6.09 -7.39 7.21
N ALA A 131 6.18 -7.64 5.90
CA ALA A 131 6.59 -6.65 4.93
C ALA A 131 5.84 -6.82 3.61
N CYS A 132 4.62 -7.32 3.60
CA CYS A 132 3.87 -7.42 2.33
C CYS A 132 2.98 -6.19 2.19
N GLY A 133 2.41 -5.99 1.03
CA GLY A 133 1.48 -4.87 0.81
C GLY A 133 2.06 -3.76 -0.07
N TYR A 134 1.15 -3.08 -0.77
CA TYR A 134 1.52 -1.91 -1.53
C TYR A 134 2.01 -0.81 -0.60
N ARG A 135 2.94 0.01 -1.08
CA ARG A 135 3.47 1.11 -0.26
C ARG A 135 3.54 2.43 -1.00
N ASN A 136 3.21 3.54 -0.32
CA ASN A 136 3.72 4.88 -0.67
C ASN A 136 4.91 5.24 0.22
N SER A 137 5.93 5.85 -0.38
CA SER A 137 7.18 6.06 0.29
C SER A 137 7.09 7.04 1.47
N ALA A 138 6.17 7.99 1.35
CA ALA A 138 5.86 8.91 2.39
C ALA A 138 5.33 8.25 3.69
N ASP A 139 4.74 7.07 3.57
CA ASP A 139 4.17 6.35 4.73
C ASP A 139 5.24 5.56 5.55
N PHE A 140 6.48 5.45 5.05
CA PHE A 140 7.55 4.70 5.75
C PHE A 140 8.77 5.56 5.93
N ASP A 141 9.60 5.22 6.91
CA ASP A 141 10.91 5.88 7.03
C ASP A 141 11.79 5.57 5.82
N SER A 142 12.85 6.37 5.70
CA SER A 142 13.86 6.14 4.69
C SER A 142 15.21 6.55 5.25
N THR A 143 16.20 5.72 5.03
CA THR A 143 17.56 5.91 5.52
C THR A 143 18.51 5.32 4.47
N LEU A 144 19.80 5.65 4.59
CA LEU A 144 20.80 5.02 3.76
C LEU A 144 21.39 3.87 4.52
N VAL A 145 21.57 2.77 3.83
CA VAL A 145 22.10 1.64 4.48
C VAL A 145 23.22 1.04 3.62
N ALA A 146 24.29 0.61 4.26
CA ALA A 146 25.41 -0.07 3.58
C ALA A 146 24.97 -1.44 3.10
N ASP A 147 25.12 -1.69 1.79
CA ASP A 147 24.75 -2.96 1.15
C ASP A 147 25.49 -3.34 -0.15
N VAL A 148 25.88 -2.39 -0.99
CA VAL A 148 26.47 -2.68 -2.30
C VAL A 148 27.91 -2.99 -2.15
N ILE A 149 28.36 -4.08 -2.76
CA ILE A 149 29.77 -4.39 -2.81
C ILE A 149 30.30 -3.89 -4.15
N ASP A 150 30.81 -2.66 -4.12
CA ASP A 150 31.29 -1.95 -5.31
C ASP A 150 32.79 -2.23 -5.50
N HIS A 151 33.04 -3.22 -6.34
CA HIS A 151 34.34 -3.71 -6.67
C HIS A 151 34.84 -2.99 -7.87
N ILE A 152 34.07 -2.07 -8.43
CA ILE A 152 34.49 -1.38 -9.64
C ILE A 152 35.21 -0.05 -9.36
N THR A 153 34.58 0.85 -8.65
CA THR A 153 35.08 2.20 -8.46
C THR A 153 36.43 2.15 -7.73
N PRO A 154 37.52 2.66 -8.34
CA PRO A 154 38.86 2.45 -7.74
C PRO A 154 39.12 3.29 -6.48
N THR A 155 38.46 4.42 -6.36
CA THR A 155 38.71 5.38 -5.28
C THR A 155 37.41 6.11 -5.00
N LEU A 156 37.29 6.61 -3.78
CA LEU A 156 36.15 7.43 -3.38
C LEU A 156 36.66 8.56 -2.49
N THR A 157 36.09 9.74 -2.68
CA THR A 157 36.40 10.88 -1.84
C THR A 157 35.33 10.99 -0.77
N LEU A 158 35.74 10.92 0.50
CA LEU A 158 34.80 10.95 1.60
C LEU A 158 34.73 12.37 2.08
N PRO A 159 33.51 12.90 2.23
CA PRO A 159 33.44 14.18 2.92
C PRO A 159 33.76 14.09 4.43
N ALA A 160 33.97 15.26 5.03
CA ALA A 160 34.15 15.40 6.50
C ALA A 160 32.97 14.79 7.23
N ASN A 161 33.27 14.11 8.33
CA ASN A 161 32.27 13.49 9.22
C ASN A 161 31.46 12.43 8.48
N SER A 162 32.18 11.46 7.88
CA SER A 162 31.55 10.30 7.27
C SER A 162 32.37 9.06 7.49
N THR A 163 31.69 7.94 7.38
CA THR A 163 32.21 6.62 7.60
C THR A 163 32.04 5.81 6.31
N GLN A 164 33.00 4.90 6.05
CA GLN A 164 32.95 4.05 4.84
C GLN A 164 33.49 2.69 5.12
N GLY A 165 32.68 1.67 4.86
CA GLY A 165 33.17 0.31 4.88
C GLY A 165 33.89 -0.16 3.61
N GLY A 166 34.79 -1.11 3.79
CA GLY A 166 35.54 -1.75 2.72
C GLY A 166 35.40 -3.26 2.87
N TRP A 167 34.98 -3.94 1.79
CA TRP A 167 34.79 -5.38 1.80
C TRP A 167 35.99 -6.08 1.18
N ILE A 168 36.43 -7.18 1.78
CA ILE A 168 37.53 -8.01 1.27
C ILE A 168 37.01 -9.44 1.19
N SER A 169 37.13 -10.05 -0.01
CA SER A 169 36.84 -11.46 -0.26
C SER A 169 38.14 -12.18 -0.58
N VAL A 170 38.50 -13.22 0.17
CA VAL A 170 39.59 -14.11 -0.20
C VAL A 170 39.02 -15.40 -0.78
N ASN A 171 39.32 -15.66 -2.05
CA ASN A 171 38.87 -16.89 -2.71
C ASN A 171 40.04 -17.83 -2.59
N ILE A 172 40.02 -18.70 -1.57
CA ILE A 172 41.20 -19.50 -1.28
C ILE A 172 41.29 -20.61 -2.30
N PRO A 173 42.36 -20.64 -3.11
CA PRO A 173 42.51 -21.76 -4.05
C PRO A 173 42.48 -23.14 -3.42
N GLN A 174 41.91 -24.08 -4.17
CA GLN A 174 41.93 -25.51 -3.88
C GLN A 174 43.27 -26.13 -3.49
N GLY A 175 44.34 -25.68 -4.15
CA GLY A 175 45.66 -26.27 -3.95
C GLY A 175 46.46 -25.64 -2.85
N THR A 176 45.85 -24.71 -2.12
CA THR A 176 46.56 -24.03 -1.04
C THR A 176 47.01 -25.00 0.04
N LYS A 177 48.28 -24.90 0.44
CA LYS A 177 48.82 -25.69 1.55
C LYS A 177 48.22 -25.22 2.85
N ALA A 178 47.87 -26.15 3.74
CA ALA A 178 47.39 -25.79 5.10
C ALA A 178 48.42 -25.07 5.93
N GLY A 179 47.95 -24.06 6.67
CA GLY A 179 48.79 -23.32 7.60
C GLY A 179 48.34 -21.89 7.78
N LYS A 180 49.23 -21.13 8.39
CA LYS A 180 48.97 -19.78 8.86
C LYS A 180 49.51 -18.84 7.80
N TYR A 181 48.63 -18.16 7.07
CA TYR A 181 49.07 -17.17 6.10
C TYR A 181 48.91 -15.79 6.72
N THR A 182 49.76 -14.87 6.28
CA THR A 182 49.66 -13.48 6.68
C THR A 182 49.84 -12.48 5.53
N GLY A 183 49.16 -11.35 5.68
CA GLY A 183 49.15 -10.32 4.67
C GLY A 183 48.81 -8.96 5.26
N THR A 184 48.92 -7.94 4.41
CA THR A 184 48.79 -6.56 4.84
C THR A 184 47.74 -5.93 3.96
N VAL A 185 46.78 -5.24 4.57
CA VAL A 185 45.85 -4.35 3.85
C VAL A 185 46.38 -2.93 3.98
N THR A 186 46.56 -2.25 2.87
CA THR A 186 47.04 -0.88 2.86
C THR A 186 45.90 0.01 2.47
N VAL A 187 45.59 0.98 3.29
CA VAL A 187 44.54 1.95 3.04
C VAL A 187 45.19 3.31 2.78
N LYS A 188 44.76 3.99 1.72
CA LYS A 188 45.42 5.19 1.23
C LYS A 188 44.41 6.26 0.97
N ALA A 189 44.84 7.53 1.07
CA ALA A 189 44.05 8.67 0.60
C ALA A 189 44.98 9.78 0.16
N ASP A 190 44.47 10.65 -0.71
CA ASP A 190 45.20 11.76 -1.38
C ASP A 190 46.71 11.47 -1.64
N GLY A 191 46.98 10.23 -2.06
CA GLY A 191 48.31 9.82 -2.42
C GLY A 191 49.09 9.04 -1.38
N ILE A 192 48.73 9.09 -0.11
CA ILE A 192 49.58 8.46 0.90
C ILE A 192 48.86 7.44 1.77
N THR A 193 49.63 6.53 2.36
CA THR A 193 49.16 5.47 3.22
C THR A 193 48.66 5.95 4.58
N LEU A 194 47.34 5.92 4.79
CA LEU A 194 46.72 6.28 6.06
C LEU A 194 46.91 5.21 7.13
N SER A 195 46.73 3.95 6.78
CA SER A 195 47.04 2.84 7.71
C SER A 195 47.33 1.52 7.00
N GLU A 196 47.94 0.62 7.74
CA GLU A 196 48.01 -0.80 7.38
C GLU A 196 47.19 -1.59 8.38
N LEU A 197 46.48 -2.63 7.91
CA LEU A 197 45.82 -3.60 8.80
C LEU A 197 46.48 -4.97 8.58
N LYS A 198 46.62 -5.80 9.61
CA LYS A 198 47.14 -7.17 9.38
C LYS A 198 45.98 -8.14 9.20
N LEU A 199 46.16 -9.13 8.33
CA LEU A 199 45.17 -10.15 8.06
C LEU A 199 45.84 -11.51 8.19
N ASN A 200 45.41 -12.32 9.15
CA ASN A 200 45.92 -13.66 9.35
C ASN A 200 44.84 -14.64 8.94
N LEU A 201 45.24 -15.69 8.22
CA LEU A 201 44.33 -16.73 7.72
C LEU A 201 44.89 -18.09 8.06
N GLN A 202 44.15 -18.82 8.91
CA GLN A 202 44.49 -20.19 9.21
C GLN A 202 43.75 -21.03 8.16
N VAL A 203 44.50 -21.54 7.18
CA VAL A 203 43.92 -22.39 6.18
C VAL A 203 43.97 -23.80 6.69
N LYS A 204 42.80 -24.42 6.80
CA LYS A 204 42.70 -25.78 7.36
C LYS A 204 43.01 -26.86 6.36
N ASN A 205 43.40 -28.01 6.88
CA ASN A 205 43.72 -29.12 6.00
C ASN A 205 42.43 -29.88 5.61
N ARG A 206 41.49 -29.13 5.01
CA ARG A 206 40.25 -29.68 4.45
C ARG A 206 39.93 -28.88 3.20
N THR A 207 39.17 -29.48 2.30
CA THR A 207 38.94 -28.85 1.01
C THR A 207 37.46 -28.72 0.66
N LEU A 208 37.04 -27.51 0.29
CA LEU A 208 35.68 -27.25 -0.10
C LEU A 208 35.67 -27.38 -1.61
N PRO A 209 34.70 -28.13 -2.17
CA PRO A 209 34.57 -28.12 -3.63
C PRO A 209 34.26 -26.76 -4.28
N PRO A 210 34.56 -26.64 -5.56
CA PRO A 210 34.15 -25.43 -6.20
C PRO A 210 32.63 -25.36 -6.31
N PRO A 211 32.09 -24.15 -6.50
CA PRO A 211 30.65 -23.94 -6.59
C PRO A 211 29.88 -24.87 -7.53
N SER A 212 30.50 -25.28 -8.63
CA SER A 212 29.83 -26.17 -9.57
C SER A 212 29.49 -27.54 -8.91
N GLU A 213 30.26 -27.96 -7.90
CA GLU A 213 30.05 -29.24 -7.20
C GLU A 213 29.22 -29.14 -5.89
N TRP A 214 28.70 -27.97 -5.52
CA TRP A 214 27.88 -27.80 -4.31
C TRP A 214 26.52 -28.47 -4.50
N ALA A 215 26.14 -29.27 -3.51
CA ALA A 215 24.84 -29.88 -3.45
C ALA A 215 23.72 -28.86 -3.32
N PHE A 216 23.91 -27.83 -2.52
CA PHE A 216 22.88 -26.84 -2.18
C PHE A 216 22.07 -26.37 -3.42
N HIS A 217 20.77 -26.61 -3.41
CA HIS A 217 19.87 -26.18 -4.49
C HIS A 217 19.48 -24.74 -4.25
N LEU A 218 20.23 -23.83 -4.86
CA LEU A 218 19.92 -22.37 -4.80
C LEU A 218 19.10 -21.99 -6.03
N ASP A 219 17.96 -21.32 -5.80
CA ASP A 219 17.13 -20.83 -6.90
C ASP A 219 16.79 -19.38 -6.56
N LEU A 220 17.34 -18.45 -7.34
CA LEU A 220 17.06 -17.01 -7.17
C LEU A 220 16.59 -16.61 -8.53
N TRP A 221 15.32 -16.23 -8.64
CA TRP A 221 14.75 -16.07 -9.96
C TRP A 221 15.37 -14.84 -10.71
N GLN A 222 15.78 -15.08 -11.92
CA GLN A 222 16.43 -14.10 -12.80
C GLN A 222 15.49 -13.34 -13.74
N ASN A 223 15.76 -12.05 -13.86
CA ASN A 223 15.00 -11.15 -14.71
C ASN A 223 15.94 -10.49 -15.71
N PRO A 224 16.04 -11.11 -16.91
CA PRO A 224 16.90 -10.48 -17.96
C PRO A 224 16.35 -9.16 -18.44
N TYR A 225 15.05 -8.95 -18.32
CA TYR A 225 14.42 -7.76 -18.85
C TYR A 225 14.79 -6.49 -18.02
N ALA A 226 15.15 -6.70 -16.76
CA ALA A 226 15.60 -5.62 -15.95
C ALA A 226 16.96 -5.07 -16.46
N VAL A 227 17.79 -5.95 -17.04
CA VAL A 227 19.12 -5.57 -17.47
C VAL A 227 19.04 -4.86 -18.79
N SER A 228 18.24 -5.37 -19.73
CA SER A 228 18.04 -4.67 -21.00
C SER A 228 17.40 -3.30 -20.82
N ARG A 229 16.46 -3.18 -19.86
CA ARG A 229 15.85 -1.88 -19.61
C ARG A 229 16.87 -0.89 -18.95
N TYR A 230 17.58 -1.34 -17.92
CA TYR A 230 18.44 -0.43 -17.17
C TYR A 230 19.59 0.20 -18.02
N TYR A 231 20.18 -0.60 -18.91
CA TYR A 231 21.24 -0.19 -19.80
C TYR A 231 20.74 0.26 -21.17
N ASN A 232 19.43 0.20 -21.36
CA ASN A 232 18.77 0.54 -22.60
C ASN A 232 19.38 -0.14 -23.82
N VAL A 233 19.46 -1.47 -23.80
CA VAL A 233 19.97 -2.23 -24.94
C VAL A 233 18.89 -3.16 -25.39
N GLU A 234 18.97 -3.62 -26.62
CA GLU A 234 17.96 -4.52 -27.14
C GLU A 234 18.03 -5.85 -26.38
N PRO A 235 16.86 -6.40 -26.01
CA PRO A 235 16.89 -7.64 -25.31
C PRO A 235 17.41 -8.77 -26.18
N PHE A 236 18.12 -9.68 -25.54
CA PHE A 236 18.90 -10.78 -26.13
C PHE A 236 19.87 -10.43 -27.25
N SER A 237 20.30 -9.19 -27.32
CA SER A 237 21.44 -8.79 -28.17
C SER A 237 22.76 -9.25 -27.53
N LYS A 238 23.83 -9.24 -28.33
CA LYS A 238 25.17 -9.48 -27.76
C LYS A 238 25.44 -8.49 -26.60
N LYS A 239 25.02 -7.24 -26.69
CA LYS A 239 25.32 -6.29 -25.60
C LYS A 239 24.62 -6.67 -24.33
N HIS A 240 23.35 -7.00 -24.48
CA HIS A 240 22.59 -7.51 -23.36
C HIS A 240 23.26 -8.73 -22.69
N PHE A 241 23.62 -9.72 -23.47
CA PHE A 241 24.28 -10.91 -22.89
C PHE A 241 25.62 -10.57 -22.23
N ASP A 242 26.40 -9.68 -22.87
CA ASP A 242 27.69 -9.23 -22.32
C ASP A 242 27.54 -8.57 -20.97
N LEU A 243 26.52 -7.76 -20.84
CA LEU A 243 26.18 -7.19 -19.56
C LEU A 243 25.68 -8.24 -18.58
N MET A 244 24.82 -9.14 -19.04
CA MET A 244 24.35 -10.17 -18.14
C MET A 244 25.40 -11.19 -17.68
N ARG A 245 26.46 -11.39 -18.43
CA ARG A 245 27.41 -12.49 -18.15
C ARG A 245 28.00 -12.42 -16.76
N PRO A 246 28.72 -11.36 -16.42
CA PRO A 246 29.27 -11.34 -15.05
C PRO A 246 28.21 -11.18 -13.97
N LEU A 247 27.08 -10.62 -14.33
CA LEU A 247 26.00 -10.47 -13.39
C LEU A 247 25.38 -11.80 -12.93
N MET A 248 24.99 -12.61 -13.90
CA MET A 248 24.47 -13.94 -13.67
C MET A 248 25.54 -14.87 -13.09
N LYS A 249 26.79 -14.59 -13.39
CA LYS A 249 27.91 -15.34 -12.81
C LYS A 249 27.95 -15.24 -11.29
N LEU A 250 27.44 -14.16 -10.72
CA LEU A 250 27.34 -14.01 -9.28
C LEU A 250 26.43 -15.08 -8.69
N TYR A 251 25.30 -15.34 -9.37
CA TYR A 251 24.38 -16.37 -8.96
C TYR A 251 25.01 -17.76 -9.19
N ALA A 252 25.65 -18.01 -10.33
CA ALA A 252 26.29 -19.31 -10.53
C ALA A 252 27.38 -19.57 -9.47
N ASP A 253 28.17 -18.55 -9.16
CA ASP A 253 29.22 -18.67 -8.16
C ASP A 253 28.73 -18.88 -6.73
N ALA A 254 27.47 -18.53 -6.48
CA ALA A 254 26.77 -18.85 -5.22
C ALA A 254 26.11 -20.24 -5.13
N GLY A 255 26.27 -21.07 -6.15
CA GLY A 255 25.66 -22.36 -6.21
C GLY A 255 24.33 -22.40 -6.98
N GLY A 256 24.01 -21.32 -7.70
CA GLY A 256 22.77 -21.27 -8.50
C GLY A 256 22.48 -22.51 -9.36
N LYS A 257 21.30 -23.13 -9.17
CA LYS A 257 20.99 -24.40 -9.90
C LYS A 257 19.92 -24.23 -10.96
N VAL A 258 19.15 -23.16 -10.89
CA VAL A 258 17.92 -23.05 -11.70
C VAL A 258 17.89 -21.82 -12.59
N ILE A 259 17.45 -22.05 -13.84
CA ILE A 259 17.25 -21.05 -14.84
C ILE A 259 15.74 -20.71 -14.85
N THR A 260 15.43 -19.43 -14.74
CA THR A 260 14.09 -18.90 -14.82
C THR A 260 13.72 -18.67 -16.29
N ALA A 261 12.56 -19.20 -16.74
CA ALA A 261 12.12 -19.00 -18.11
C ALA A 261 10.70 -18.51 -18.12
N SER A 262 10.45 -17.38 -18.80
CA SER A 262 9.11 -16.89 -19.01
C SER A 262 8.67 -17.43 -20.38
N ILE A 263 7.80 -18.44 -20.36
CA ILE A 263 7.27 -19.09 -21.60
C ILE A 263 5.98 -18.46 -22.15
N MET A 264 5.56 -17.38 -21.53
CA MET A 264 4.37 -16.60 -21.97
C MET A 264 4.50 -15.15 -21.52
N HIS A 265 3.58 -14.30 -21.95
CA HIS A 265 3.61 -12.86 -21.63
C HIS A 265 3.17 -12.57 -20.18
N LYS A 266 4.06 -11.94 -19.42
CA LYS A 266 3.82 -11.50 -18.05
C LYS A 266 3.35 -12.58 -17.10
N PRO A 267 4.18 -13.61 -16.81
CA PRO A 267 3.79 -14.63 -15.85
C PRO A 267 3.41 -14.06 -14.50
N TRP A 268 3.96 -12.92 -14.10
CA TRP A 268 3.62 -12.38 -12.80
C TRP A 268 2.92 -11.04 -12.93
N ASN A 269 2.17 -10.89 -14.02
CA ASN A 269 1.39 -9.66 -14.26
C ASN A 269 2.14 -8.33 -14.10
N GLY A 270 3.41 -8.32 -14.43
CA GLY A 270 4.17 -7.12 -14.30
C GLY A 270 4.28 -6.55 -12.89
N GLN A 271 4.35 -7.43 -11.91
CA GLN A 271 4.45 -7.00 -10.49
C GLN A 271 5.82 -6.34 -10.20
N THR A 272 6.86 -6.70 -10.94
CA THR A 272 8.16 -6.05 -10.82
C THR A 272 8.25 -4.83 -11.77
N TYR A 273 9.22 -3.96 -11.49
CA TYR A 273 9.38 -2.71 -12.28
C TYR A 273 9.47 -3.06 -13.77
N ASP A 274 10.23 -4.09 -14.06
CA ASP A 274 10.34 -4.67 -15.40
C ASP A 274 9.55 -5.95 -15.49
N ALA A 275 8.53 -5.95 -16.35
CA ALA A 275 7.69 -7.13 -16.54
C ALA A 275 8.49 -8.16 -17.32
N PHE A 276 8.13 -9.43 -17.16
CA PHE A 276 8.75 -10.47 -17.93
C PHE A 276 7.94 -10.62 -19.23
N GLU A 277 8.60 -10.45 -20.36
CA GLU A 277 7.94 -10.76 -21.65
C GLU A 277 8.08 -12.24 -21.95
N SER A 278 7.36 -12.70 -22.96
CA SER A 278 7.51 -14.10 -23.45
C SER A 278 8.85 -14.40 -24.19
N MET A 279 9.52 -15.50 -23.80
CA MET A 279 10.66 -16.07 -24.49
C MET A 279 10.28 -17.06 -25.59
N VAL A 280 8.97 -17.13 -25.89
CA VAL A 280 8.41 -17.97 -26.90
C VAL A 280 7.41 -17.15 -27.73
N THR A 281 7.52 -17.24 -29.04
CA THR A 281 6.51 -16.70 -29.93
C THR A 281 5.32 -17.66 -29.99
N TRP A 282 4.13 -17.15 -29.70
CA TRP A 282 2.92 -17.91 -29.86
C TRP A 282 2.15 -17.28 -30.98
N LEU A 283 2.26 -17.83 -32.19
CA LEU A 283 1.58 -17.24 -33.34
C LEU A 283 0.37 -18.10 -33.74
N LYS A 284 -0.84 -17.57 -33.58
CA LYS A 284 -2.06 -18.26 -34.04
C LYS A 284 -2.27 -17.79 -35.48
N LYS A 285 -2.06 -18.70 -36.43
CA LYS A 285 -2.17 -18.39 -37.83
C LYS A 285 -3.63 -18.42 -38.20
N ALA A 286 -3.98 -17.72 -39.28
CA ALA A 286 -5.35 -17.58 -39.69
C ALA A 286 -5.92 -18.83 -40.35
N ASP A 287 -5.16 -19.93 -40.43
CA ASP A 287 -5.66 -21.17 -41.01
C ASP A 287 -5.93 -22.20 -39.90
N GLY A 288 -5.95 -21.77 -38.63
CA GLY A 288 -6.20 -22.65 -37.54
C GLY A 288 -5.01 -23.41 -37.02
N THR A 289 -3.83 -23.16 -37.58
CA THR A 289 -2.60 -23.79 -37.10
C THR A 289 -1.86 -22.75 -36.27
N TRP A 290 -0.83 -23.23 -35.58
CA TRP A 290 -0.01 -22.39 -34.69
C TRP A 290 1.47 -22.53 -35.03
N TYR A 291 2.20 -21.42 -34.92
CA TYR A 291 3.63 -21.48 -35.04
C TYR A 291 4.17 -21.06 -33.69
N PHE A 292 5.06 -21.87 -33.17
CA PHE A 292 5.70 -21.60 -31.90
C PHE A 292 7.17 -21.52 -32.16
N ASP A 293 7.81 -20.46 -31.70
CA ASP A 293 9.24 -20.34 -31.87
C ASP A 293 9.96 -20.04 -30.56
N TYR A 294 11.00 -20.81 -30.29
CA TYR A 294 11.75 -20.76 -29.02
C TYR A 294 13.11 -20.13 -29.08
N THR A 295 13.34 -19.29 -30.07
CA THR A 295 14.67 -18.76 -30.31
C THR A 295 15.15 -17.99 -29.09
N VAL A 296 14.32 -17.12 -28.52
CA VAL A 296 14.74 -16.43 -27.27
C VAL A 296 15.03 -17.37 -26.10
N PHE A 297 14.07 -18.23 -25.80
CA PHE A 297 14.19 -19.25 -24.78
C PHE A 297 15.53 -20.03 -24.92
N ASP A 298 15.78 -20.55 -26.13
CA ASP A 298 16.99 -21.38 -26.34
C ASP A 298 18.27 -20.53 -26.13
N LYS A 299 18.27 -19.27 -26.58
CA LYS A 299 19.48 -18.45 -26.42
C LYS A 299 19.76 -18.17 -24.96
N TRP A 300 18.70 -17.84 -24.24
CA TRP A 300 18.75 -17.58 -22.80
C TRP A 300 19.19 -18.85 -22.02
N VAL A 301 18.53 -19.95 -22.26
CA VAL A 301 18.93 -21.18 -21.58
C VAL A 301 20.38 -21.56 -21.83
N GLU A 302 20.81 -21.54 -23.09
CA GLU A 302 22.19 -21.92 -23.48
C GLU A 302 23.21 -21.00 -22.82
N PHE A 303 22.87 -19.71 -22.78
CA PHE A 303 23.69 -18.73 -22.09
C PHE A 303 23.87 -19.06 -20.62
N MET A 304 22.76 -19.32 -19.92
CA MET A 304 22.83 -19.59 -18.50
C MET A 304 23.56 -20.89 -18.24
N MET A 305 23.33 -21.89 -19.09
CA MET A 305 24.07 -23.13 -19.02
C MET A 305 25.57 -22.97 -19.24
N ASP A 306 25.99 -22.13 -20.21
CA ASP A 306 27.43 -21.85 -20.40
C ASP A 306 28.04 -21.25 -19.12
N LEU A 307 27.27 -20.47 -18.36
CA LEU A 307 27.70 -19.94 -17.07
C LEU A 307 27.78 -20.92 -15.94
N GLY A 308 27.23 -22.12 -16.12
CA GLY A 308 27.23 -23.19 -15.09
C GLY A 308 25.88 -23.44 -14.40
N VAL A 309 24.83 -22.70 -14.78
CA VAL A 309 23.53 -22.89 -14.20
C VAL A 309 22.85 -23.82 -15.14
N LYS A 310 22.78 -25.09 -14.77
CA LYS A 310 22.25 -26.10 -15.66
C LYS A 310 21.49 -27.29 -15.02
N LYS A 311 21.22 -27.24 -13.72
CA LYS A 311 20.48 -28.33 -13.05
C LYS A 311 19.02 -28.42 -13.50
N GLN A 312 18.39 -27.27 -13.67
CA GLN A 312 16.95 -27.24 -13.81
C GLN A 312 16.56 -26.00 -14.57
N ILE A 313 15.47 -26.12 -15.37
CA ILE A 313 14.81 -24.97 -15.96
C ILE A 313 13.39 -24.91 -15.43
N SER A 314 12.94 -23.75 -14.99
CA SER A 314 11.58 -23.64 -14.46
C SER A 314 10.84 -22.71 -15.38
N CYS A 315 9.65 -23.11 -15.78
CA CYS A 315 8.91 -22.33 -16.79
C CYS A 315 7.62 -21.72 -16.23
N TYR A 316 7.49 -20.42 -16.39
CA TYR A 316 6.42 -19.62 -15.80
C TYR A 316 5.65 -18.92 -16.90
N SER A 317 4.33 -18.77 -16.77
CA SER A 317 3.47 -19.43 -15.79
C SER A 317 2.17 -19.85 -16.53
N MET A 318 1.69 -21.08 -16.27
CA MET A 318 0.28 -21.45 -16.63
C MET A 318 -0.79 -20.81 -15.77
N VAL A 319 -0.39 -20.14 -14.67
CA VAL A 319 -1.32 -19.68 -13.71
C VAL A 319 -1.07 -18.25 -13.25
N PRO A 320 -0.91 -17.29 -14.22
CA PRO A 320 -0.88 -15.90 -13.74
C PRO A 320 -2.14 -15.50 -12.98
N TRP A 321 -2.00 -14.62 -11.97
CA TRP A 321 -3.12 -14.09 -11.23
C TRP A 321 -4.33 -13.61 -12.05
N ARG A 322 -4.12 -12.91 -13.16
CA ARG A 322 -5.26 -12.41 -13.95
C ARG A 322 -5.80 -13.47 -14.99
N LEU A 323 -5.07 -14.53 -15.22
CA LEU A 323 -5.57 -15.59 -16.08
C LEU A 323 -6.05 -15.05 -17.44
N SER A 324 -5.16 -14.27 -18.03
CA SER A 324 -5.32 -13.70 -19.32
C SER A 324 -4.03 -13.96 -20.09
N PHE A 325 -4.16 -14.68 -21.20
CA PHE A 325 -3.04 -15.28 -21.84
C PHE A 325 -2.88 -14.66 -23.23
N GLN A 326 -1.77 -13.97 -23.41
CA GLN A 326 -1.47 -13.32 -24.72
C GLN A 326 -1.15 -14.31 -25.83
N TYR A 327 -1.58 -14.00 -27.02
CA TYR A 327 -1.01 -14.64 -28.21
C TYR A 327 -0.97 -13.61 -29.33
N PHE A 328 -0.14 -13.92 -30.33
CA PHE A 328 -0.14 -13.13 -31.56
C PHE A 328 -1.18 -13.67 -32.56
N ASP A 329 -2.18 -12.88 -32.87
CA ASP A 329 -3.27 -13.26 -33.73
C ASP A 329 -3.00 -12.78 -35.12
N GLN A 330 -2.64 -13.71 -35.99
CA GLN A 330 -2.24 -13.40 -37.34
C GLN A 330 -3.36 -12.75 -38.13
N ALA A 331 -4.57 -13.22 -37.96
CA ALA A 331 -5.69 -12.78 -38.76
C ALA A 331 -5.91 -11.26 -38.66
N SER A 332 -5.74 -10.72 -37.45
CA SER A 332 -5.88 -9.30 -37.22
C SER A 332 -4.53 -8.61 -37.13
N ASN A 333 -3.44 -9.37 -37.29
CA ASN A 333 -2.08 -8.86 -37.10
C ASN A 333 -1.89 -8.04 -35.78
N SER A 334 -2.39 -8.57 -34.67
CA SER A 334 -2.34 -7.88 -33.36
C SER A 334 -2.22 -8.88 -32.24
N PHE A 335 -1.79 -8.39 -31.08
CA PHE A 335 -1.84 -9.22 -29.90
C PHE A 335 -3.29 -9.33 -29.37
N LYS A 336 -3.68 -10.54 -29.05
CA LYS A 336 -4.98 -10.78 -28.35
C LYS A 336 -4.75 -11.51 -27.05
N PHE A 337 -5.80 -11.53 -26.22
CA PHE A 337 -5.75 -12.23 -24.92
C PHE A 337 -6.91 -13.26 -24.79
N LEU A 338 -6.56 -14.48 -24.40
CA LEU A 338 -7.53 -15.53 -24.03
C LEU A 338 -7.72 -15.47 -22.56
N ASP A 339 -8.94 -15.13 -22.14
CA ASP A 339 -9.33 -15.26 -20.75
C ASP A 339 -9.85 -16.66 -20.46
N ALA A 340 -9.10 -17.42 -19.68
CA ALA A 340 -9.43 -18.80 -19.43
C ALA A 340 -8.78 -19.27 -18.13
N LYS A 341 -9.48 -20.18 -17.45
CA LYS A 341 -9.05 -20.61 -16.11
C LYS A 341 -8.86 -22.11 -16.02
N PRO A 342 -7.96 -22.53 -15.14
CA PRO A 342 -7.87 -23.95 -14.76
C PRO A 342 -9.25 -24.50 -14.42
N GLY A 343 -9.58 -25.64 -15.03
CA GLY A 343 -10.91 -26.24 -14.86
C GLY A 343 -11.78 -25.92 -16.05
N GLU A 344 -11.30 -25.09 -16.97
CA GLU A 344 -12.05 -24.83 -18.18
C GLU A 344 -11.43 -25.58 -19.36
N VAL A 345 -12.31 -26.00 -20.29
CA VAL A 345 -11.95 -26.71 -21.51
C VAL A 345 -11.05 -25.80 -22.38
N ALA A 346 -11.42 -24.52 -22.55
CA ALA A 346 -10.60 -23.57 -23.32
C ALA A 346 -9.17 -23.45 -22.76
N TYR A 347 -9.01 -23.48 -21.45
CA TYR A 347 -7.70 -23.44 -20.86
C TYR A 347 -6.89 -24.71 -21.20
N GLU A 348 -7.52 -25.85 -20.99
CA GLU A 348 -6.89 -27.11 -21.33
C GLU A 348 -6.50 -27.13 -22.81
N GLU A 349 -7.38 -26.68 -23.72
CA GLU A 349 -7.05 -26.83 -25.13
C GLU A 349 -5.88 -25.91 -25.48
N PHE A 350 -5.94 -24.66 -25.03
CA PHE A 350 -4.89 -23.62 -25.28
C PHE A 350 -3.53 -24.09 -24.81
N TRP A 351 -3.46 -24.57 -23.59
CA TRP A 351 -2.19 -25.00 -23.02
C TRP A 351 -1.69 -26.37 -23.52
N MET A 352 -2.57 -27.32 -23.77
CA MET A 352 -2.12 -28.57 -24.40
C MET A 352 -1.47 -28.33 -25.77
N ASN A 353 -2.10 -27.47 -26.55
CA ASN A 353 -1.58 -27.16 -27.85
C ASN A 353 -0.10 -26.66 -27.73
N MET A 354 0.15 -25.74 -26.82
CA MET A 354 1.47 -25.23 -26.67
C MET A 354 2.45 -26.25 -26.07
N LEU A 355 2.02 -26.88 -24.98
CA LEU A 355 2.90 -27.77 -24.19
C LEU A 355 3.29 -28.97 -24.96
N GLN A 356 2.39 -29.50 -25.78
CA GLN A 356 2.78 -30.61 -26.65
C GLN A 356 3.85 -30.24 -27.68
N ASP A 357 3.75 -29.03 -28.25
CA ASP A 357 4.83 -28.53 -29.09
C ASP A 357 6.14 -28.34 -28.28
N PHE A 358 5.98 -27.73 -27.11
CA PHE A 358 7.11 -27.42 -26.26
C PHE A 358 7.85 -28.68 -25.84
N SER A 359 7.10 -29.75 -25.54
CA SER A 359 7.66 -31.04 -25.17
C SER A 359 8.58 -31.57 -26.28
N LYS A 360 8.05 -31.62 -27.49
CA LYS A 360 8.86 -32.01 -28.66
C LYS A 360 10.13 -31.15 -28.81
N HIS A 361 9.98 -29.83 -28.63
CA HIS A 361 11.12 -28.94 -28.72
C HIS A 361 12.19 -29.25 -27.67
N LEU A 362 11.75 -29.43 -26.44
CA LEU A 362 12.68 -29.73 -25.33
C LEU A 362 13.38 -31.06 -25.57
N LYS A 363 12.67 -32.01 -26.12
CA LYS A 363 13.23 -33.33 -26.29
C LYS A 363 14.26 -33.27 -27.39
N ALA A 364 14.00 -32.48 -28.43
CA ALA A 364 15.00 -32.26 -29.50
C ALA A 364 16.24 -31.53 -28.99
N LYS A 365 16.09 -30.61 -28.03
CA LYS A 365 17.21 -29.96 -27.44
C LYS A 365 17.92 -30.79 -26.38
N GLY A 366 17.29 -31.88 -25.91
CA GLY A 366 17.85 -32.70 -24.82
C GLY A 366 17.73 -32.03 -23.47
N TRP A 367 16.73 -31.15 -23.30
CA TRP A 367 16.52 -30.50 -22.02
C TRP A 367 15.24 -30.95 -21.28
N PHE A 368 14.53 -31.93 -21.84
CA PHE A 368 13.22 -32.35 -21.26
C PHE A 368 13.26 -32.81 -19.80
N ASP A 369 14.25 -33.63 -19.44
CA ASP A 369 14.37 -34.20 -18.10
C ASP A 369 14.57 -33.15 -17.03
N ILE A 370 15.06 -31.96 -17.40
CA ILE A 370 15.38 -30.93 -16.42
C ILE A 370 14.34 -29.78 -16.44
N THR A 371 13.39 -29.85 -17.36
CA THR A 371 12.51 -28.70 -17.54
C THR A 371 11.26 -28.89 -16.69
N HIS A 372 10.96 -27.95 -15.81
CA HIS A 372 9.80 -28.01 -14.95
C HIS A 372 8.78 -26.97 -15.34
N ILE A 373 7.52 -27.35 -15.37
CA ILE A 373 6.45 -26.37 -15.56
C ILE A 373 6.08 -25.97 -14.14
N ALA A 374 6.15 -24.69 -13.81
CA ALA A 374 5.95 -24.20 -12.44
C ALA A 374 4.49 -23.91 -12.10
N MET A 375 3.99 -24.54 -11.04
CA MET A 375 2.67 -24.20 -10.51
C MET A 375 2.88 -23.03 -9.58
N ASP A 376 1.76 -22.49 -9.09
CA ASP A 376 1.75 -21.51 -7.99
C ASP A 376 0.61 -21.84 -6.99
N GLU A 377 0.73 -21.23 -5.81
CA GLU A 377 -0.13 -21.49 -4.69
C GLU A 377 -1.49 -20.90 -5.04
N ARG A 378 -2.47 -21.76 -5.27
CA ARG A 378 -3.82 -21.32 -5.63
C ARG A 378 -4.81 -22.24 -4.98
N PRO A 379 -6.12 -21.88 -5.00
CA PRO A 379 -7.10 -22.81 -4.42
C PRO A 379 -6.92 -24.19 -5.02
N MET A 380 -7.14 -25.21 -4.19
CA MET A 380 -6.64 -26.54 -4.49
C MET A 380 -7.28 -27.10 -5.77
N LYS A 381 -8.57 -26.85 -6.01
CA LYS A 381 -9.23 -27.39 -7.22
C LYS A 381 -8.56 -26.87 -8.48
N ASP A 382 -8.10 -25.62 -8.43
CA ASP A 382 -7.42 -24.97 -9.58
C ASP A 382 -6.02 -25.56 -9.78
N MET A 383 -5.30 -25.77 -8.70
CA MET A 383 -3.98 -26.44 -8.81
C MET A 383 -4.09 -27.85 -9.41
N GLN A 384 -5.10 -28.60 -9.00
CA GLN A 384 -5.27 -29.95 -9.55
C GLN A 384 -5.67 -29.92 -11.00
N GLU A 385 -6.49 -28.95 -11.36
CA GLU A 385 -6.89 -28.76 -12.77
C GLU A 385 -5.69 -28.44 -13.65
N THR A 386 -4.79 -27.56 -13.18
CA THR A 386 -3.58 -27.23 -13.91
C THR A 386 -2.68 -28.47 -14.08
N LEU A 387 -2.45 -29.20 -12.98
CA LEU A 387 -1.65 -30.42 -13.06
C LEU A 387 -2.23 -31.45 -14.06
N LYS A 388 -3.55 -31.61 -14.12
CA LYS A 388 -4.20 -32.50 -15.11
C LYS A 388 -3.88 -32.09 -16.54
N VAL A 389 -3.90 -30.79 -16.82
CA VAL A 389 -3.50 -30.29 -18.15
C VAL A 389 -2.06 -30.63 -18.46
N ILE A 390 -1.16 -30.40 -17.50
CA ILE A 390 0.25 -30.66 -17.72
C ILE A 390 0.47 -32.13 -18.08
N ARG A 391 -0.13 -33.05 -17.34
CA ARG A 391 0.10 -34.48 -17.56
C ARG A 391 -0.63 -34.97 -18.79
N LYS A 392 -1.75 -34.36 -19.12
CA LYS A 392 -2.40 -34.66 -20.38
C LYS A 392 -1.46 -34.24 -21.55
N ALA A 393 -0.78 -33.13 -21.41
CA ALA A 393 0.14 -32.65 -22.45
C ALA A 393 1.32 -33.60 -22.59
N ASP A 394 1.93 -33.95 -21.48
CA ASP A 394 2.97 -34.97 -21.50
C ASP A 394 3.06 -35.54 -20.10
N LYS A 395 2.88 -36.84 -20.01
CA LYS A 395 2.88 -37.55 -18.73
C LYS A 395 4.21 -37.49 -17.99
N ASP A 396 5.30 -37.21 -18.69
CA ASP A 396 6.62 -37.09 -18.05
C ASP A 396 7.08 -35.66 -17.81
N PHE A 397 6.23 -34.65 -18.07
CA PHE A 397 6.59 -33.30 -17.71
C PHE A 397 6.86 -33.29 -16.22
N LYS A 398 7.97 -32.70 -15.85
CA LYS A 398 8.22 -32.40 -14.45
C LYS A 398 7.53 -31.09 -14.05
N VAL A 399 7.24 -31.01 -12.74
CA VAL A 399 6.41 -29.95 -12.21
C VAL A 399 7.05 -29.47 -10.95
N SER A 400 6.92 -28.16 -10.70
CA SER A 400 7.45 -27.50 -9.54
C SER A 400 6.39 -26.58 -8.93
N LEU A 401 6.61 -26.28 -7.65
CA LEU A 401 5.73 -25.39 -6.92
C LEU A 401 6.54 -24.78 -5.78
N ALA A 402 6.39 -23.47 -5.61
CA ALA A 402 6.80 -22.76 -4.38
C ALA A 402 5.49 -22.30 -3.74
N GLY A 403 5.16 -22.88 -2.59
CA GLY A 403 3.93 -22.51 -1.87
C GLY A 403 3.83 -23.20 -0.53
N THR A 404 2.59 -23.51 -0.16
CA THR A 404 2.28 -24.12 1.12
C THR A 404 2.24 -25.66 1.00
N TYR A 405 2.24 -26.31 2.14
CA TYR A 405 2.17 -27.76 2.23
C TYR A 405 0.81 -28.29 1.76
N HIS A 406 0.86 -29.20 0.80
CA HIS A 406 -0.33 -29.88 0.27
C HIS A 406 0.01 -31.36 0.13
N LYS A 407 -0.49 -32.15 1.08
CA LYS A 407 -0.22 -33.58 1.13
C LYS A 407 -0.59 -34.30 -0.18
N GLU A 408 -1.70 -33.90 -0.81
CA GLU A 408 -2.11 -34.54 -2.08
C GLU A 408 -1.18 -34.30 -3.29
N LEU A 409 -0.27 -33.34 -3.20
CA LEU A 409 0.60 -32.99 -4.32
C LEU A 409 2.02 -33.49 -4.16
N LEU A 410 2.35 -34.04 -2.99
CA LEU A 410 3.75 -34.45 -2.67
C LEU A 410 4.41 -35.32 -3.72
N ASP A 411 3.73 -36.36 -4.16
CA ASP A 411 4.25 -37.25 -5.22
C ASP A 411 4.33 -36.65 -6.61
N ASP A 412 3.45 -35.67 -6.91
CA ASP A 412 3.39 -35.08 -8.25
C ASP A 412 4.41 -34.00 -8.44
N LEU A 413 5.02 -33.47 -7.37
CA LEU A 413 5.93 -32.32 -7.52
C LEU A 413 7.37 -32.73 -7.42
N ASN A 414 8.09 -32.58 -8.53
CA ASN A 414 9.49 -32.97 -8.65
C ASN A 414 10.39 -31.97 -7.89
N ASP A 415 9.95 -30.72 -7.87
CA ASP A 415 10.55 -29.63 -7.10
C ASP A 415 9.46 -28.96 -6.24
N TYR A 416 9.63 -29.08 -4.92
CA TYR A 416 8.65 -28.60 -3.96
C TYR A 416 9.36 -27.68 -2.96
N CYS A 417 9.02 -26.40 -3.05
CA CYS A 417 9.58 -25.39 -2.21
C CYS A 417 8.49 -24.90 -1.29
N ILE A 418 8.75 -25.06 0.00
CA ILE A 418 7.74 -24.76 1.00
C ILE A 418 8.02 -23.45 1.75
N THR A 419 6.94 -22.80 2.20
CA THR A 419 7.11 -21.65 3.08
C THR A 419 7.96 -22.00 4.34
N ILE A 420 8.80 -21.06 4.77
CA ILE A 420 9.56 -21.29 5.97
C ILE A 420 8.68 -21.72 7.16
N ALA A 421 7.41 -21.27 7.17
CA ALA A 421 6.42 -21.59 8.18
C ALA A 421 5.99 -23.05 8.31
N GLU A 422 6.13 -23.86 7.27
CA GLU A 422 5.64 -25.21 7.34
C GLU A 422 6.78 -26.19 7.11
N LYS A 423 6.61 -27.39 7.62
CA LYS A 423 7.60 -28.43 7.58
C LYS A 423 7.05 -29.69 7.01
N PHE A 424 7.87 -30.34 6.19
CA PHE A 424 7.68 -31.71 5.79
C PHE A 424 8.12 -32.59 6.91
N THR A 425 7.57 -33.80 7.01
CA THR A 425 8.04 -34.76 8.01
C THR A 425 9.35 -35.36 7.54
N PRO A 426 10.17 -35.88 8.47
CA PRO A 426 11.38 -36.62 8.05
C PRO A 426 11.16 -37.68 6.97
N GLU A 427 10.09 -38.46 7.06
CA GLU A 427 9.82 -39.56 6.10
C GLU A 427 9.47 -38.99 4.71
N GLU A 428 8.66 -37.94 4.68
CA GLU A 428 8.32 -37.27 3.43
C GLU A 428 9.57 -36.73 2.70
N ILE A 429 10.48 -36.15 3.46
CA ILE A 429 11.76 -35.64 2.93
C ILE A 429 12.60 -36.79 2.40
N GLU A 430 12.74 -37.82 3.21
CA GLU A 430 13.43 -39.02 2.81
C GLU A 430 12.85 -39.66 1.54
N ALA A 431 11.54 -39.90 1.49
CA ALA A 431 10.94 -40.41 0.25
C ALA A 431 11.22 -39.51 -1.01
N ARG A 432 11.18 -38.19 -0.83
CA ARG A 432 11.47 -37.31 -1.95
C ARG A 432 12.96 -37.38 -2.35
N ARG A 433 13.86 -37.46 -1.38
CA ARG A 433 15.28 -37.63 -1.67
C ARG A 433 15.58 -38.96 -2.43
N LYS A 434 15.04 -40.07 -1.94
CA LYS A 434 15.18 -41.39 -2.61
C LYS A 434 14.61 -41.39 -4.01
N ALA A 435 13.55 -40.60 -4.21
CA ALA A 435 12.97 -40.50 -5.51
C ALA A 435 13.74 -39.50 -6.44
N GLY A 436 14.80 -38.84 -5.96
CA GLY A 436 15.54 -37.89 -6.79
C GLY A 436 14.86 -36.52 -6.98
N LYS A 437 13.89 -36.21 -6.13
CA LYS A 437 13.17 -34.95 -6.15
C LYS A 437 13.90 -33.92 -5.33
N VAL A 438 13.45 -32.67 -5.43
CA VAL A 438 14.08 -31.56 -4.81
C VAL A 438 13.10 -30.97 -3.83
N THR A 439 13.61 -30.67 -2.64
CA THR A 439 12.79 -30.16 -1.56
C THR A 439 13.51 -28.99 -0.90
N THR A 440 12.87 -27.82 -0.85
CA THR A 440 13.52 -26.58 -0.33
C THR A 440 12.52 -25.75 0.42
N TYR A 441 12.94 -24.58 0.90
CA TYR A 441 12.02 -23.59 1.45
C TYR A 441 12.31 -22.17 0.93
N TYR A 442 11.40 -21.24 1.18
CA TYR A 442 11.57 -19.88 0.75
C TYR A 442 11.13 -18.93 1.83
N THR A 443 11.71 -17.73 1.80
CA THR A 443 11.10 -16.52 2.47
C THR A 443 10.68 -15.51 1.39
N CYS A 444 9.86 -14.53 1.75
CA CYS A 444 9.41 -13.53 0.81
C CYS A 444 9.01 -12.31 1.65
N CYS A 445 8.08 -11.48 1.15
CA CYS A 445 7.67 -10.31 1.92
C CYS A 445 7.02 -10.63 3.27
N THR A 446 6.51 -11.86 3.43
CA THR A 446 5.89 -12.28 4.66
C THR A 446 6.75 -12.15 5.91
N GLU A 447 7.98 -12.64 5.88
CA GLU A 447 8.71 -12.83 7.11
C GLU A 447 9.41 -11.56 7.52
N PRO A 448 9.19 -11.07 8.75
CA PRO A 448 10.02 -9.94 9.13
C PRO A 448 11.49 -10.33 9.19
N ARG A 449 11.75 -11.57 9.59
CA ARG A 449 13.10 -12.15 9.73
C ARG A 449 12.92 -13.69 9.72
N PRO A 450 13.92 -14.48 9.34
CA PRO A 450 15.13 -14.02 8.62
C PRO A 450 14.79 -13.58 7.21
N ASN A 451 15.52 -12.56 6.70
CA ASN A 451 15.29 -12.14 5.34
C ASN A 451 16.45 -11.36 4.75
N THR A 452 16.24 -10.92 3.50
CA THR A 452 17.23 -10.26 2.69
C THR A 452 16.64 -8.91 2.19
N PHE A 453 15.87 -8.26 3.04
CA PHE A 453 15.59 -6.84 2.80
C PHE A 453 16.89 -6.03 2.94
N THR A 454 16.91 -4.83 2.37
CA THR A 454 18.15 -4.03 2.48
C THR A 454 18.49 -3.57 3.91
N PHE A 455 17.50 -3.51 4.81
CA PHE A 455 17.71 -3.23 6.25
C PHE A 455 17.87 -4.51 7.13
N SER A 456 17.73 -5.70 6.56
CA SER A 456 17.85 -6.97 7.35
C SER A 456 19.29 -7.09 7.84
N GLU A 457 19.47 -7.63 9.03
CA GLU A 457 20.82 -7.87 9.48
C GLU A 457 21.59 -8.83 8.48
N PRO A 458 22.84 -8.48 8.16
CA PRO A 458 23.63 -9.29 7.28
C PRO A 458 23.63 -10.77 7.61
N ALA A 459 23.75 -11.12 8.89
CA ALA A 459 23.83 -12.50 9.27
C ALA A 459 22.57 -13.30 8.87
N GLU A 460 21.41 -12.63 8.78
CA GLU A 460 20.17 -13.27 8.45
C GLU A 460 20.32 -14.00 7.15
N ALA A 461 21.06 -13.43 6.20
CA ALA A 461 21.19 -14.03 4.91
C ALA A 461 21.99 -15.32 4.98
N GLU A 462 23.01 -15.38 5.81
CA GLU A 462 23.75 -16.60 6.08
C GLU A 462 22.85 -17.62 6.81
N TRP A 463 22.07 -17.12 7.77
CA TRP A 463 21.16 -17.96 8.57
C TRP A 463 20.24 -18.79 7.65
N LEU A 464 19.80 -18.22 6.53
CA LEU A 464 18.91 -18.93 5.61
C LEU A 464 19.48 -20.30 5.15
N ALA A 465 20.75 -20.30 4.78
CA ALA A 465 21.42 -21.56 4.40
C ALA A 465 21.62 -22.56 5.55
N TRP A 466 22.05 -22.09 6.72
CA TRP A 466 22.12 -22.96 7.88
C TRP A 466 20.75 -23.61 8.19
N HIS A 467 19.67 -22.85 8.03
CA HIS A 467 18.34 -23.31 8.32
C HIS A 467 17.98 -24.46 7.39
N SER A 468 18.46 -24.41 6.14
CA SER A 468 18.26 -25.49 5.18
C SER A 468 18.89 -26.73 5.75
N ALA A 469 20.11 -26.59 6.34
CA ALA A 469 20.78 -27.74 6.89
C ALA A 469 20.04 -28.28 8.11
N LYS A 470 19.58 -27.43 9.02
CA LYS A 470 18.84 -27.88 10.21
C LYS A 470 17.61 -28.69 9.81
N GLU A 471 16.90 -28.21 8.78
CA GLU A 471 15.67 -28.82 8.35
C GLU A 471 15.85 -30.03 7.43
N ASN A 472 17.09 -30.42 7.14
CA ASN A 472 17.38 -31.53 6.22
C ASN A 472 16.77 -31.31 4.83
N LEU A 473 16.70 -30.05 4.41
CA LEU A 473 16.28 -29.64 3.09
C LEU A 473 17.49 -29.48 2.12
N ASP A 474 17.19 -29.36 0.85
CA ASP A 474 18.23 -29.33 -0.18
C ASP A 474 18.81 -27.98 -0.47
N GLY A 475 18.12 -26.92 -0.06
CA GLY A 475 18.40 -25.68 -0.64
C GLY A 475 17.50 -24.57 -0.16
N TYR A 476 17.50 -23.51 -0.94
CA TYR A 476 16.71 -22.32 -0.62
C TYR A 476 16.33 -21.61 -1.90
N LEU A 477 15.15 -20.97 -1.88
CA LEU A 477 14.63 -20.25 -3.02
C LEU A 477 14.16 -18.88 -2.64
N ARG A 478 14.41 -17.93 -3.54
CA ARG A 478 13.81 -16.62 -3.39
C ARG A 478 13.42 -16.06 -4.72
N TRP A 479 12.40 -15.23 -4.72
CA TRP A 479 11.70 -14.92 -5.99
C TRP A 479 12.32 -13.87 -6.89
N ALA A 480 13.41 -13.22 -6.46
CA ALA A 480 13.96 -12.10 -7.24
C ALA A 480 15.42 -11.88 -7.01
N LEU A 481 16.22 -12.41 -7.91
CA LEU A 481 17.68 -12.13 -7.94
C LEU A 481 17.99 -10.68 -8.30
N ASN A 482 17.29 -10.18 -9.32
CA ASN A 482 17.68 -8.92 -9.91
C ASN A 482 16.54 -8.19 -10.60
N SER A 483 15.37 -8.22 -10.03
CA SER A 483 14.23 -7.47 -10.61
C SER A 483 14.30 -6.04 -10.17
N TRP A 484 15.26 -5.33 -10.74
CA TRP A 484 15.66 -4.02 -10.31
C TRP A 484 14.51 -3.05 -10.37
N VAL A 485 14.38 -2.24 -9.33
CA VAL A 485 13.62 -0.98 -9.38
C VAL A 485 14.28 0.03 -10.35
N LYS A 486 13.78 1.26 -10.37
CA LYS A 486 14.21 2.21 -11.42
C LYS A 486 15.67 2.56 -11.32
N ASN A 487 16.14 2.79 -10.10
CA ASN A 487 17.48 3.25 -9.84
C ASN A 487 18.04 2.42 -8.69
N PRO A 488 18.31 1.15 -8.99
CA PRO A 488 18.65 0.12 -8.00
C PRO A 488 19.92 0.42 -7.18
N LEU A 489 20.84 1.20 -7.73
CA LEU A 489 22.08 1.54 -7.00
C LEU A 489 21.86 2.58 -5.93
N GLN A 490 20.87 3.42 -6.15
CA GLN A 490 20.61 4.56 -5.29
C GLN A 490 19.54 4.29 -4.22
N ASP A 491 18.44 3.63 -4.67
CA ASP A 491 17.23 3.51 -3.89
C ASP A 491 16.57 2.17 -4.16
N SER A 492 16.50 1.36 -3.09
CA SER A 492 15.99 -0.03 -3.11
C SER A 492 14.50 -0.19 -2.77
N ARG A 493 13.80 0.93 -2.50
CA ARG A 493 12.39 0.89 -2.24
C ARG A 493 11.60 0.70 -3.49
N PHE A 494 10.36 0.29 -3.33
CA PHE A 494 9.48 0.02 -4.47
C PHE A 494 8.03 0.33 -4.07
N THR A 495 7.12 0.30 -5.04
CA THR A 495 5.75 0.59 -4.76
C THR A 495 5.01 -0.60 -4.09
N ALA A 496 5.71 -1.71 -3.85
CA ALA A 496 5.25 -2.70 -2.89
C ALA A 496 6.42 -3.33 -2.12
N TRP A 497 6.11 -3.87 -0.96
CA TRP A 497 7.00 -4.71 -0.17
C TRP A 497 8.12 -3.90 0.46
N ALA A 498 8.69 -4.42 1.52
CA ALA A 498 9.93 -3.84 2.05
C ALA A 498 11.06 -3.73 1.00
N ALA A 499 11.88 -2.70 1.18
CA ALA A 499 12.96 -2.40 0.27
C ALA A 499 13.93 -3.57 0.21
N GLY A 500 14.39 -3.87 -0.97
CA GLY A 500 15.27 -4.99 -1.17
C GLY A 500 14.64 -6.31 -1.50
N ASP A 501 13.30 -6.39 -1.45
CA ASP A 501 12.58 -7.64 -1.67
C ASP A 501 12.76 -8.03 -3.15
N THR A 502 13.03 -7.03 -4.02
CA THR A 502 13.01 -7.28 -5.48
C THR A 502 14.37 -7.55 -6.10
N TYR A 503 15.45 -7.44 -5.34
CA TYR A 503 16.79 -7.76 -5.84
C TYR A 503 17.87 -7.85 -4.77
N MET A 504 18.87 -8.63 -5.11
CA MET A 504 19.99 -8.95 -4.22
C MET A 504 21.35 -8.68 -4.88
N ILE A 505 21.39 -8.40 -6.19
CA ILE A 505 22.60 -8.02 -6.88
C ILE A 505 22.32 -6.74 -7.68
N TYR A 506 23.40 -6.02 -8.03
CA TYR A 506 23.28 -4.66 -8.51
C TYR A 506 23.93 -4.51 -9.86
N PRO A 507 23.55 -3.44 -10.59
CA PRO A 507 24.28 -3.05 -11.78
C PRO A 507 25.82 -2.96 -11.60
N GLY A 508 26.48 -3.34 -12.67
CA GLY A 508 27.92 -3.52 -12.75
C GLY A 508 28.35 -4.91 -12.30
N ALA A 509 27.42 -5.87 -12.25
CA ALA A 509 27.72 -7.19 -11.68
C ALA A 509 28.28 -7.07 -10.26
N ARG A 510 27.67 -6.17 -9.50
CA ARG A 510 28.05 -5.92 -8.11
C ARG A 510 27.20 -6.79 -7.16
N SER A 511 27.88 -7.54 -6.30
CA SER A 511 27.25 -8.31 -5.26
C SER A 511 26.67 -7.41 -4.17
N SER A 512 26.01 -8.03 -3.21
CA SER A 512 25.57 -7.35 -2.00
C SER A 512 26.12 -8.05 -0.77
N ILE A 513 26.10 -7.36 0.38
CA ILE A 513 26.36 -7.97 1.63
C ILE A 513 25.47 -9.22 1.79
N ARG A 514 24.20 -9.10 1.41
CA ARG A 514 23.20 -10.16 1.50
C ARG A 514 23.66 -11.43 0.72
N LEU A 515 24.02 -11.28 -0.54
CA LEU A 515 24.43 -12.44 -1.35
C LEU A 515 25.74 -13.05 -0.83
N GLU A 516 26.65 -12.17 -0.44
CA GLU A 516 27.95 -12.67 0.12
C GLU A 516 27.68 -13.47 1.39
N ARG A 517 26.84 -12.99 2.30
CA ARG A 517 26.60 -13.74 3.53
C ARG A 517 25.81 -15.04 3.30
N LEU A 518 24.82 -14.97 2.41
CA LEU A 518 24.12 -16.17 1.93
C LEU A 518 25.09 -17.25 1.39
N THR A 519 26.04 -16.82 0.58
CA THR A 519 27.03 -17.67 -0.05
C THR A 519 27.99 -18.26 1.00
N GLU A 520 28.29 -17.48 2.05
CA GLU A 520 28.97 -18.05 3.23
C GLU A 520 28.18 -19.17 3.91
N GLY A 521 26.92 -18.91 4.21
CA GLY A 521 26.07 -19.98 4.71
C GLY A 521 25.98 -21.21 3.78
N ILE A 522 25.86 -20.99 2.47
CA ILE A 522 25.82 -22.08 1.53
C ILE A 522 27.10 -22.89 1.66
N GLN A 523 28.23 -22.20 1.71
CA GLN A 523 29.52 -22.91 1.92
C GLN A 523 29.53 -23.74 3.21
N PHE A 524 29.01 -23.16 4.29
CA PHE A 524 28.96 -23.90 5.54
C PHE A 524 27.97 -25.08 5.49
N PHE A 525 26.87 -24.91 4.75
CA PHE A 525 25.97 -26.06 4.44
C PHE A 525 26.75 -27.21 3.76
N GLU A 526 27.63 -26.87 2.81
CA GLU A 526 28.46 -27.88 2.13
C GLU A 526 29.46 -28.50 3.08
N LYS A 527 30.01 -27.68 3.99
CA LYS A 527 30.93 -28.20 5.00
C LYS A 527 30.26 -29.17 5.96
N VAL A 528 29.03 -28.87 6.34
CA VAL A 528 28.21 -29.77 7.16
C VAL A 528 27.87 -31.10 6.42
N ARG A 529 27.50 -31.02 5.16
CA ARG A 529 27.36 -32.23 4.36
C ARG A 529 28.69 -33.04 4.36
N ILE A 530 29.81 -32.38 4.10
CA ILE A 530 31.10 -33.07 3.92
C ILE A 530 31.47 -33.77 5.26
N LEU A 531 31.37 -33.01 6.35
CA LEU A 531 31.77 -33.47 7.67
C LEU A 531 30.90 -34.60 8.16
N LYS A 532 29.60 -34.49 7.92
CA LYS A 532 28.69 -35.54 8.31
C LYS A 532 28.92 -36.80 7.49
N GLU A 533 29.21 -36.67 6.19
CA GLU A 533 29.60 -37.80 5.32
C GLU A 533 30.79 -38.51 5.97
N GLU A 534 31.84 -37.74 6.29
CA GLU A 534 33.05 -38.26 6.93
C GLU A 534 32.74 -38.99 8.22
N PHE A 535 31.94 -38.36 9.09
CA PHE A 535 31.61 -38.94 10.40
C PHE A 535 30.66 -40.13 10.35
N GLU A 536 29.80 -40.13 9.34
CA GLU A 536 29.03 -41.31 8.94
C GLU A 536 29.96 -42.52 8.51
N GLU A 537 30.89 -42.32 7.57
CA GLU A 537 31.87 -43.37 7.17
C GLU A 537 32.78 -43.80 8.34
N LYS A 538 33.23 -42.84 9.14
CA LYS A 538 34.10 -43.08 10.30
C LYS A 538 33.34 -43.53 11.55
N GLY A 539 32.00 -43.50 11.50
CA GLY A 539 31.15 -44.00 12.58
C GLY A 539 31.17 -43.14 13.85
N ASN A 540 31.61 -41.89 13.72
CA ASN A 540 31.77 -41.02 14.87
C ASN A 540 30.41 -40.40 15.27
N LYS A 541 29.76 -41.06 16.23
CA LYS A 541 28.43 -40.69 16.70
C LYS A 541 28.44 -39.39 17.52
N GLY A 542 29.44 -39.22 18.39
CA GLY A 542 29.59 -37.98 19.19
C GLY A 542 29.64 -36.70 18.37
N ALA A 543 30.36 -36.73 17.26
CA ALA A 543 30.40 -35.55 16.40
C ALA A 543 29.05 -35.30 15.73
N ILE A 544 28.36 -36.34 15.26
CA ILE A 544 27.06 -36.13 14.60
C ILE A 544 26.06 -35.54 15.55
N LYS A 545 26.07 -35.95 16.82
CA LYS A 545 25.17 -35.34 17.80
C LYS A 545 25.50 -33.84 18.02
N ASN A 546 26.77 -33.51 18.05
CA ASN A 546 27.17 -32.15 18.32
C ASN A 546 26.85 -31.19 17.15
N ILE A 547 27.07 -31.64 15.90
CA ILE A 547 26.68 -30.87 14.68
C ILE A 547 25.17 -30.68 14.75
N ASP A 548 24.43 -31.76 15.01
CA ASP A 548 22.97 -31.65 15.07
C ASP A 548 22.48 -30.65 16.13
N LYS A 549 23.11 -30.67 17.30
CA LYS A 549 22.74 -29.77 18.38
C LYS A 549 22.97 -28.33 18.01
N THR A 550 24.10 -28.07 17.36
CA THR A 550 24.46 -26.75 16.84
C THR A 550 23.40 -26.24 15.84
N LEU A 551 22.99 -27.09 14.90
CA LEU A 551 21.95 -26.75 13.92
C LEU A 551 20.61 -26.38 14.54
N LYS A 552 20.31 -26.95 15.72
CA LYS A 552 19.07 -26.61 16.40
C LYS A 552 18.90 -25.12 16.68
N MET A 553 19.98 -24.32 16.71
CA MET A 553 19.87 -22.86 16.93
C MET A 553 19.10 -22.17 15.80
N PHE A 554 19.05 -22.80 14.62
CA PHE A 554 18.47 -22.22 13.41
C PHE A 554 16.96 -22.45 13.26
N ASP A 555 16.24 -22.17 14.34
CA ASP A 555 14.81 -22.37 14.38
C ASP A 555 14.11 -21.03 14.32
N GLU A 556 13.08 -20.93 13.50
CA GLU A 556 12.45 -19.64 13.23
C GLU A 556 11.70 -19.09 14.40
N SER A 557 11.52 -19.91 15.45
CA SER A 557 11.02 -19.44 16.74
C SER A 557 12.09 -19.23 17.83
N SER A 558 13.34 -19.58 17.58
CA SER A 558 14.45 -19.29 18.50
C SER A 558 15.05 -17.87 18.38
N MET A 559 14.52 -17.01 17.50
CA MET A 559 15.30 -15.84 17.10
C MET A 559 15.35 -14.74 18.17
N ASP A 560 14.30 -14.63 18.97
CA ASP A 560 14.36 -13.83 20.20
C ASP A 560 15.37 -14.35 21.25
N LYS A 561 15.59 -15.65 21.37
CA LYS A 561 16.48 -16.16 22.44
C LYS A 561 17.91 -16.19 21.98
N ILE A 562 18.11 -16.55 20.72
CA ILE A 562 19.42 -16.53 20.10
C ILE A 562 19.26 -15.75 18.77
N SER A 563 19.82 -14.55 18.70
CA SER A 563 19.72 -13.70 17.49
C SER A 563 20.32 -14.40 16.28
N PRO A 564 19.86 -14.06 15.10
CA PRO A 564 20.49 -14.69 13.96
C PRO A 564 22.03 -14.55 13.90
N THR A 565 22.53 -13.36 14.27
CA THR A 565 23.97 -13.10 14.28
C THR A 565 24.70 -14.01 15.28
N THR A 566 24.14 -14.12 16.49
CA THR A 566 24.77 -14.95 17.53
C THR A 566 24.79 -16.42 17.03
N ALA A 567 23.67 -16.87 16.46
CA ALA A 567 23.55 -18.26 16.02
C ALA A 567 24.60 -18.60 14.97
N VAL A 568 24.69 -17.72 13.97
CA VAL A 568 25.56 -17.89 12.84
C VAL A 568 27.00 -17.94 13.34
N ASN A 569 27.38 -17.00 14.19
CA ASN A 569 28.75 -16.95 14.68
C ASN A 569 29.12 -18.19 15.53
N LYS A 570 28.23 -18.60 16.43
CA LYS A 570 28.48 -19.82 17.25
C LYS A 570 28.67 -21.02 16.29
N ALA A 571 27.72 -21.16 15.36
CA ALA A 571 27.73 -22.31 14.46
C ALA A 571 28.98 -22.39 13.59
N LYS A 572 29.44 -21.26 13.04
CA LYS A 572 30.63 -21.23 12.19
C LYS A 572 31.89 -21.64 12.99
N LYS A 573 31.96 -21.20 14.25
CA LYS A 573 33.09 -21.55 15.09
C LYS A 573 33.11 -23.06 15.40
N VAL A 574 31.92 -23.63 15.65
CA VAL A 574 31.81 -25.05 15.97
C VAL A 574 32.23 -25.91 14.79
N ILE A 575 31.74 -25.56 13.59
CA ILE A 575 32.05 -26.32 12.39
C ILE A 575 33.52 -26.26 12.05
N ASN A 576 34.11 -25.08 12.21
CA ASN A 576 35.50 -24.93 11.83
C ASN A 576 36.49 -25.65 12.74
N ARG A 577 36.09 -26.13 13.91
CA ARG A 577 37.00 -26.94 14.75
C ARG A 577 37.29 -28.31 14.14
N TYR A 578 36.34 -28.86 13.39
CA TYR A 578 36.46 -30.26 12.95
C TYR A 578 37.56 -30.43 11.91
N GLN B 16 -35.16 -0.09 15.44
CA GLN B 16 -33.97 -0.98 15.69
C GLN B 16 -33.97 -2.25 14.81
N THR B 17 -34.85 -3.21 15.11
CA THR B 17 -34.74 -4.56 14.50
C THR B 17 -34.95 -4.64 12.97
N SER B 18 -35.83 -3.79 12.43
CA SER B 18 -35.99 -3.60 10.99
C SER B 18 -34.71 -3.08 10.35
N GLU B 19 -33.77 -2.52 11.14
CA GLU B 19 -32.51 -2.00 10.64
C GLU B 19 -31.32 -2.98 10.74
N TYR B 20 -31.55 -4.19 11.27
CA TYR B 20 -30.49 -5.20 11.26
C TYR B 20 -30.28 -5.70 9.84
N TYR B 21 -29.07 -6.13 9.54
CA TYR B 21 -28.75 -6.57 8.21
C TYR B 21 -27.57 -7.47 8.26
N GLN B 22 -27.42 -8.17 7.15
CA GLN B 22 -26.28 -8.98 6.86
C GLN B 22 -25.41 -8.32 5.77
N GLU B 23 -24.11 -8.37 5.99
CA GLU B 23 -23.12 -7.97 5.01
C GLU B 23 -23.06 -8.96 3.87
N ALA B 24 -22.48 -8.53 2.75
CA ALA B 24 -22.12 -9.41 1.63
C ALA B 24 -21.02 -10.36 2.07
N ALA B 25 -20.90 -11.49 1.38
CA ALA B 25 -19.78 -12.39 1.56
C ALA B 25 -18.47 -11.71 1.12
N ASN B 26 -17.38 -12.04 1.81
CA ASN B 26 -16.09 -11.48 1.51
C ASN B 26 -15.61 -12.04 0.18
N PRO B 27 -15.32 -11.19 -0.84
CA PRO B 27 -14.70 -11.72 -2.05
C PRO B 27 -13.32 -12.33 -1.85
N ILE B 28 -12.64 -12.00 -0.75
CA ILE B 28 -11.30 -12.55 -0.51
C ILE B 28 -11.40 -13.70 0.49
N ALA B 29 -10.93 -14.89 0.09
CA ALA B 29 -10.88 -16.06 0.96
C ALA B 29 -9.93 -15.78 2.10
N THR B 30 -10.21 -16.33 3.27
CA THR B 30 -9.33 -16.16 4.42
C THR B 30 -8.06 -17.00 4.24
N ASN B 31 -6.90 -16.38 4.49
CA ASN B 31 -5.63 -17.07 4.41
C ASN B 31 -5.21 -17.55 5.80
N PRO B 32 -5.27 -18.86 6.05
CA PRO B 32 -4.99 -19.32 7.42
C PRO B 32 -3.55 -19.03 7.93
N ALA B 33 -2.54 -18.96 7.02
CA ALA B 33 -1.11 -18.71 7.46
C ALA B 33 -1.03 -17.35 8.18
N LEU B 34 -1.86 -16.40 7.75
CA LEU B 34 -1.94 -15.10 8.43
C LEU B 34 -2.33 -15.23 9.89
N TRP B 35 -3.16 -16.23 10.21
CA TRP B 35 -3.70 -16.41 11.56
C TRP B 35 -2.98 -17.38 12.43
N ALA B 36 -1.95 -18.04 11.93
CA ALA B 36 -1.43 -19.18 12.66
C ALA B 36 -0.70 -18.86 13.97
N LYS B 37 -0.37 -17.61 14.23
CA LYS B 37 0.21 -17.21 15.53
C LYS B 37 -0.77 -16.49 16.44
N VAL B 38 -2.01 -16.33 16.00
CA VAL B 38 -3.07 -15.85 16.88
C VAL B 38 -3.62 -16.99 17.75
N THR B 39 -3.27 -16.99 19.02
CA THR B 39 -3.66 -18.11 19.89
C THR B 39 -4.82 -17.78 20.84
N ALA B 40 -5.26 -16.54 20.89
CA ALA B 40 -6.38 -16.17 21.75
C ALA B 40 -7.03 -14.92 21.14
N PRO B 41 -8.28 -14.65 21.48
CA PRO B 41 -8.88 -13.42 20.98
C PRO B 41 -8.13 -12.25 21.54
N GLN B 42 -7.99 -11.19 20.76
CA GLN B 42 -7.13 -10.09 21.14
C GLN B 42 -7.98 -8.87 21.10
N ILE B 43 -7.75 -7.96 22.04
CA ILE B 43 -8.54 -6.75 22.13
C ILE B 43 -7.56 -5.60 22.35
N SER B 44 -7.63 -4.61 21.45
CA SER B 44 -6.70 -3.47 21.54
C SER B 44 -7.37 -2.18 21.14
N TRP B 45 -6.84 -1.08 21.66
CA TRP B 45 -7.10 0.14 20.93
C TRP B 45 -6.42 0.03 19.54
N GLY B 46 -7.04 0.65 18.55
CA GLY B 46 -6.43 0.85 17.24
C GLY B 46 -6.47 2.32 16.89
N SER B 47 -6.71 2.60 15.62
CA SER B 47 -6.60 3.96 15.11
C SER B 47 -7.78 4.28 14.25
N THR B 48 -8.26 5.52 14.38
CA THR B 48 -9.30 6.01 13.50
C THR B 48 -8.78 6.30 12.11
N ASP B 49 -7.45 6.16 11.89
CA ASP B 49 -6.87 6.25 10.55
C ASP B 49 -6.98 4.97 9.70
N ILE B 50 -7.40 3.87 10.31
CA ILE B 50 -7.32 2.54 9.71
C ILE B 50 -8.70 1.88 9.53
N ARG B 51 -8.91 1.31 8.33
CA ARG B 51 -10.02 0.44 8.02
C ARG B 51 -9.42 -0.99 8.23
N TYR B 52 -9.80 -1.70 9.31
CA TYR B 52 -9.23 -3.03 9.59
C TYR B 52 -9.89 -4.00 8.69
N LYS B 53 -9.09 -4.88 8.11
CA LYS B 53 -9.58 -5.83 7.16
C LYS B 53 -10.27 -6.88 7.97
N LYS B 54 -11.38 -7.39 7.45
CA LYS B 54 -12.14 -8.39 8.15
C LYS B 54 -11.38 -9.74 8.26
N GLU B 55 -10.64 -10.11 7.21
CA GLU B 55 -10.09 -11.47 7.07
C GLU B 55 -8.63 -11.60 7.46
N GLU B 56 -8.03 -10.52 7.95
CA GLU B 56 -6.63 -10.51 8.42
C GLU B 56 -6.58 -10.17 9.91
N PRO B 57 -5.63 -10.74 10.68
CA PRO B 57 -5.51 -10.23 12.06
C PRO B 57 -5.19 -8.73 12.08
N ALA B 58 -5.58 -8.04 13.14
CA ALA B 58 -5.29 -6.62 13.26
C ALA B 58 -3.78 -6.45 13.24
N PRO B 59 -3.27 -5.48 12.46
CA PRO B 59 -1.85 -5.25 12.35
C PRO B 59 -1.34 -4.48 13.56
N ILE B 60 -1.24 -5.17 14.68
CA ILE B 60 -0.94 -4.58 15.96
C ILE B 60 0.04 -5.51 16.68
N HIS B 61 1.24 -5.02 16.94
CA HIS B 61 2.32 -5.81 17.58
C HIS B 61 1.96 -6.26 19.02
N SER B 62 1.55 -5.32 19.87
CA SER B 62 1.10 -5.65 21.24
C SER B 62 -0.13 -4.86 21.55
N ALA B 63 -1.17 -5.52 21.97
CA ALA B 63 -2.38 -4.86 22.40
C ALA B 63 -2.11 -3.59 23.22
N GLN B 64 -2.76 -2.53 22.84
CA GLN B 64 -2.67 -1.25 23.54
C GLN B 64 -3.93 -1.18 24.40
N LYS B 65 -3.71 -1.18 25.72
CA LYS B 65 -4.81 -1.18 26.66
C LYS B 65 -5.26 0.24 27.03
N SER B 66 -4.39 1.26 26.86
CA SER B 66 -4.82 2.66 27.13
C SER B 66 -4.79 3.62 25.95
N MET B 67 -5.75 4.57 25.94
CA MET B 67 -5.91 5.57 24.89
C MET B 67 -5.98 6.94 25.56
N ASN B 68 -5.16 7.88 25.05
CA ASN B 68 -5.13 9.26 25.55
C ASN B 68 -5.62 10.19 24.47
N LEU B 69 -6.71 10.89 24.75
CA LEU B 69 -7.28 11.86 23.86
C LEU B 69 -7.22 13.21 24.50
N THR B 70 -7.18 14.25 23.64
CA THR B 70 -7.26 15.64 24.05
C THR B 70 -8.33 16.31 23.20
N ALA B 71 -9.14 17.15 23.82
CA ALA B 71 -10.21 17.83 23.07
C ALA B 71 -10.62 19.11 23.80
N TRP B 72 -11.37 19.94 23.08
CA TRP B 72 -12.01 21.11 23.66
C TRP B 72 -13.33 20.71 24.32
N LYS B 73 -13.84 21.52 25.24
CA LYS B 73 -15.21 21.44 25.68
C LYS B 73 -16.05 21.64 24.41
N GLY B 74 -17.11 20.86 24.21
CA GLY B 74 -18.00 21.01 23.02
C GLY B 74 -17.60 20.16 21.81
N GLU B 75 -16.42 19.55 21.87
CA GLU B 75 -15.93 18.83 20.69
C GLU B 75 -16.46 17.39 20.67
N LYS B 76 -16.65 16.86 19.47
CA LYS B 76 -16.93 15.43 19.29
C LYS B 76 -15.64 14.77 18.83
N ILE B 77 -15.21 13.73 19.53
CA ILE B 77 -13.93 13.12 19.28
C ILE B 77 -14.13 11.62 19.25
N SER B 78 -13.36 10.95 18.41
CA SER B 78 -13.51 9.49 18.23
C SER B 78 -12.28 8.69 18.59
N ALA B 79 -12.51 7.39 18.88
CA ALA B 79 -11.47 6.34 18.96
C ALA B 79 -12.03 5.07 18.37
N GLN B 80 -11.14 4.23 17.86
CA GLN B 80 -11.53 2.94 17.31
C GLN B 80 -10.75 1.89 18.10
N LEU B 81 -11.47 0.87 18.56
CA LEU B 81 -10.86 -0.32 19.18
C LEU B 81 -11.01 -1.44 18.13
N VAL B 82 -10.30 -2.53 18.35
CA VAL B 82 -10.38 -3.64 17.43
C VAL B 82 -10.18 -4.97 18.13
N VAL B 83 -11.01 -5.91 17.71
CA VAL B 83 -11.06 -7.26 18.26
C VAL B 83 -10.79 -8.14 17.09
N TRP B 84 -9.89 -9.09 17.31
CA TRP B 84 -9.67 -10.12 16.33
C TRP B 84 -9.49 -11.45 17.01
N THR B 85 -9.96 -12.51 16.34
CA THR B 85 -10.16 -13.78 17.01
C THR B 85 -9.85 -14.97 16.13
N PRO B 86 -9.14 -15.97 16.68
CA PRO B 86 -8.94 -17.22 15.97
C PRO B 86 -10.05 -18.24 16.19
N LYS B 87 -11.15 -17.86 16.83
CA LYS B 87 -12.28 -18.78 17.09
C LYS B 87 -13.57 -17.98 17.07
N VAL B 88 -14.69 -18.69 17.06
CA VAL B 88 -15.99 -18.05 17.05
C VAL B 88 -16.10 -17.26 18.36
N LEU B 89 -16.64 -16.04 18.31
CA LEU B 89 -17.04 -15.30 19.52
C LEU B 89 -18.48 -14.94 19.27
N ASN B 90 -19.38 -15.45 20.13
CA ASN B 90 -20.82 -15.20 20.02
C ASN B 90 -21.17 -13.90 20.72
N ASP B 91 -22.05 -13.11 20.10
CA ASP B 91 -22.60 -11.94 20.79
C ASP B 91 -21.51 -11.03 21.36
N LEU B 92 -20.59 -10.63 20.50
CA LEU B 92 -19.59 -9.63 20.82
C LEU B 92 -20.28 -8.31 21.09
N THR B 93 -19.84 -7.63 22.14
CA THR B 93 -20.45 -6.38 22.51
C THR B 93 -19.44 -5.48 23.26
N PHE B 94 -19.70 -4.18 23.29
CA PHE B 94 -18.88 -3.28 24.09
C PHE B 94 -19.63 -2.05 24.57
N MET B 95 -19.18 -1.49 25.66
CA MET B 95 -19.86 -0.35 26.21
C MET B 95 -18.86 0.48 26.93
N VAL B 96 -19.21 1.74 27.10
CA VAL B 96 -18.35 2.67 27.75
C VAL B 96 -19.01 3.19 29.01
N SER B 97 -18.18 3.26 30.05
CA SER B 97 -18.56 3.81 31.33
C SER B 97 -18.62 5.33 31.27
N ASP B 98 -19.22 5.93 32.29
CA ASP B 98 -19.04 7.35 32.51
C ASP B 98 -17.55 7.68 32.56
N LEU B 99 -17.25 8.93 32.21
CA LEU B 99 -15.90 9.47 32.28
C LEU B 99 -15.86 10.38 33.50
N THR B 100 -14.94 10.09 34.42
CA THR B 100 -14.87 10.82 35.70
C THR B 100 -13.51 11.45 35.89
N SER B 101 -13.53 12.67 36.45
CA SER B 101 -12.33 13.46 36.75
C SER B 101 -12.46 13.94 38.17
N GLY B 102 -11.97 13.19 39.14
CA GLY B 102 -12.18 13.57 40.55
C GLY B 102 -13.67 13.72 40.77
N SER B 103 -14.13 14.92 41.08
CA SER B 103 -15.56 15.14 41.36
C SER B 103 -16.46 15.21 40.11
N ALA B 104 -15.96 15.76 39.00
CA ALA B 104 -16.75 15.97 37.75
C ALA B 104 -17.00 14.72 36.93
N THR B 105 -17.98 14.78 36.03
CA THR B 105 -18.40 13.64 35.21
C THR B 105 -18.84 14.01 33.75
N ILE B 106 -18.36 13.25 32.78
CA ILE B 106 -18.98 13.25 31.47
C ILE B 106 -19.81 11.99 31.39
N SER B 107 -21.13 12.19 31.35
CA SER B 107 -22.13 11.11 31.36
C SER B 107 -21.98 10.24 30.14
N LYS B 108 -22.06 8.92 30.31
CA LYS B 108 -22.00 7.98 29.18
C LYS B 108 -23.14 8.16 28.15
N GLU B 109 -24.15 8.95 28.51
CA GLU B 109 -25.17 9.42 27.59
C GLU B 109 -24.59 10.17 26.40
N ASN B 110 -23.45 10.81 26.59
CA ASN B 110 -22.78 11.59 25.57
C ASN B 110 -21.87 10.74 24.70
N ILE B 111 -21.88 9.42 24.93
CA ILE B 111 -20.97 8.52 24.24
C ILE B 111 -21.78 7.59 23.38
N ARG B 112 -21.47 7.52 22.09
CA ARG B 112 -22.16 6.61 21.19
C ARG B 112 -21.14 5.58 20.68
N THR B 113 -21.58 4.33 20.55
CA THR B 113 -20.76 3.27 20.06
C THR B 113 -21.36 2.70 18.77
N GLY B 114 -20.48 2.14 17.97
CA GLY B 114 -20.92 1.35 16.84
C GLY B 114 -19.89 0.31 16.39
N PHE B 115 -20.42 -0.73 15.76
CA PHE B 115 -19.58 -1.68 15.05
C PHE B 115 -19.22 -1.07 13.70
N VAL B 116 -17.96 -1.17 13.29
CA VAL B 116 -17.51 -0.60 12.03
C VAL B 116 -17.73 -1.71 11.03
N ARG B 117 -18.83 -1.63 10.28
CA ARG B 117 -19.23 -2.78 9.43
C ARG B 117 -18.77 -2.64 8.02
N TYR B 118 -18.82 -3.76 7.32
CA TYR B 118 -18.12 -3.92 6.06
C TYR B 118 -19.06 -3.78 4.90
N VAL B 119 -18.58 -3.02 3.92
CA VAL B 119 -19.29 -2.76 2.66
C VAL B 119 -18.38 -3.14 1.49
N ILE B 120 -18.98 -3.66 0.42
CA ILE B 120 -18.21 -3.97 -0.79
C ILE B 120 -17.78 -2.64 -1.47
N THR B 121 -16.56 -2.65 -1.97
CA THR B 121 -15.97 -1.54 -2.68
C THR B 121 -15.15 -2.09 -3.86
N ASP B 122 -14.67 -1.15 -4.69
CA ASP B 122 -13.87 -1.50 -5.86
C ASP B 122 -12.52 -0.78 -5.79
N GLU B 123 -12.24 0.16 -6.68
CA GLU B 123 -10.89 0.71 -6.81
C GLU B 123 -10.98 1.91 -7.76
N LEU B 124 -9.84 2.59 -7.91
CA LEU B 124 -9.72 3.66 -8.89
C LEU B 124 -9.83 3.10 -10.28
N ASN B 125 -9.91 3.98 -11.28
CA ASN B 125 -9.74 3.51 -12.64
C ASN B 125 -8.41 2.75 -12.73
N LYS B 126 -8.34 1.82 -13.67
CA LYS B 126 -7.15 0.98 -13.83
C LYS B 126 -5.81 1.74 -13.95
N ASP B 127 -5.82 2.90 -14.59
CA ASP B 127 -4.60 3.72 -14.67
C ASP B 127 -4.20 4.45 -13.32
N GLY B 128 -5.03 4.39 -12.28
CA GLY B 128 -4.70 5.06 -11.03
C GLY B 128 -4.82 6.57 -11.08
N LEU B 129 -5.31 7.16 -12.19
CA LEU B 129 -5.33 8.64 -12.37
C LEU B 129 -6.65 9.33 -12.11
N GLY B 130 -7.70 8.57 -11.84
CA GLY B 130 -9.01 9.12 -11.69
C GLY B 130 -9.99 8.01 -11.42
N ALA B 131 -11.26 8.38 -11.29
CA ALA B 131 -12.32 7.44 -11.00
C ALA B 131 -13.61 7.75 -11.69
N CYS B 132 -13.58 8.44 -12.84
CA CYS B 132 -14.78 8.79 -13.53
C CYS B 132 -15.05 7.76 -14.60
N GLY B 133 -16.24 7.86 -15.21
CA GLY B 133 -16.67 7.00 -16.28
C GLY B 133 -17.55 5.84 -15.82
N TYR B 134 -18.39 5.36 -16.74
CA TYR B 134 -19.15 4.14 -16.59
C TYR B 134 -18.27 2.92 -16.26
N ARG B 135 -18.81 2.01 -15.46
CA ARG B 135 -18.15 0.81 -15.04
C ARG B 135 -19.04 -0.41 -15.12
N ASN B 136 -18.45 -1.53 -15.50
CA ASN B 136 -19.06 -2.84 -15.36
C ASN B 136 -18.27 -3.50 -14.24
N SER B 137 -18.95 -3.87 -13.16
CA SER B 137 -18.27 -4.33 -11.96
C SER B 137 -17.34 -5.53 -12.16
N ALA B 138 -17.58 -6.32 -13.21
CA ALA B 138 -16.74 -7.45 -13.54
C ALA B 138 -15.36 -7.03 -14.04
N ASP B 139 -15.22 -5.78 -14.51
CA ASP B 139 -13.91 -5.25 -14.91
C ASP B 139 -13.04 -4.73 -13.75
N PHE B 140 -13.53 -4.77 -12.52
CA PHE B 140 -12.83 -4.10 -11.43
C PHE B 140 -12.78 -5.08 -10.31
N ASP B 141 -11.75 -4.97 -9.48
CA ASP B 141 -11.64 -5.72 -8.26
C ASP B 141 -12.78 -5.38 -7.30
N SER B 142 -12.90 -6.25 -6.30
CA SER B 142 -13.97 -6.27 -5.34
C SER B 142 -13.36 -6.58 -3.99
N THR B 143 -13.70 -5.84 -2.95
CA THR B 143 -13.27 -6.19 -1.57
C THR B 143 -14.24 -5.69 -0.54
N LEU B 144 -14.11 -6.20 0.68
CA LEU B 144 -14.92 -5.69 1.79
C LEU B 144 -14.06 -4.68 2.53
N VAL B 145 -14.62 -3.50 2.77
CA VAL B 145 -13.94 -2.47 3.58
C VAL B 145 -14.81 -1.99 4.73
N ALA B 146 -14.15 -1.66 5.83
CA ALA B 146 -14.78 -1.20 7.03
C ALA B 146 -15.13 0.27 6.77
N ASP B 147 -16.40 0.63 6.93
CA ASP B 147 -16.82 2.02 6.72
C ASP B 147 -18.13 2.42 7.40
N VAL B 148 -19.06 1.48 7.58
CA VAL B 148 -20.33 1.80 8.21
C VAL B 148 -20.21 1.90 9.72
N ILE B 149 -20.68 3.02 10.31
CA ILE B 149 -20.74 3.15 11.79
C ILE B 149 -22.12 2.65 12.24
N ASP B 150 -22.19 1.35 12.62
CA ASP B 150 -23.48 0.70 12.95
C ASP B 150 -23.68 0.80 14.46
N HIS B 151 -24.41 1.84 14.83
CA HIS B 151 -24.72 2.15 16.20
C HIS B 151 -26.06 1.52 16.63
N ILE B 152 -26.68 0.73 15.75
CA ILE B 152 -27.99 0.13 16.01
C ILE B 152 -27.84 -1.33 16.47
N THR B 153 -27.12 -2.15 15.69
CA THR B 153 -27.00 -3.58 16.00
C THR B 153 -26.32 -3.80 17.38
N PRO B 154 -27.01 -4.29 18.42
CA PRO B 154 -26.33 -4.37 19.73
C PRO B 154 -25.24 -5.43 19.89
N THR B 155 -25.24 -6.49 19.11
CA THR B 155 -24.18 -7.49 19.22
C THR B 155 -23.88 -8.08 17.85
N LEU B 156 -22.70 -8.68 17.74
CA LEU B 156 -22.30 -9.39 16.55
C LEU B 156 -21.61 -10.67 16.92
N THR B 157 -21.88 -11.73 16.17
CA THR B 157 -21.08 -12.95 16.31
C THR B 157 -19.94 -12.97 15.29
N LEU B 158 -18.72 -13.16 15.75
CA LEU B 158 -17.59 -13.20 14.82
C LEU B 158 -17.20 -14.65 14.54
N PRO B 159 -17.10 -15.03 13.26
CA PRO B 159 -16.51 -16.32 12.94
C PRO B 159 -15.04 -16.43 13.28
N ALA B 160 -14.60 -17.66 13.42
CA ALA B 160 -13.17 -17.97 13.46
C ALA B 160 -12.31 -17.19 12.41
N ASN B 161 -11.17 -16.65 12.85
CA ASN B 161 -10.22 -15.94 11.97
C ASN B 161 -10.88 -14.72 11.37
N SER B 162 -11.35 -13.84 12.25
CA SER B 162 -11.93 -12.59 11.81
C SER B 162 -11.66 -11.45 12.78
N THR B 163 -11.87 -10.24 12.29
CA THR B 163 -11.48 -9.01 12.91
C THR B 163 -12.69 -8.06 12.82
N GLN B 164 -12.92 -7.31 13.91
CA GLN B 164 -14.03 -6.40 14.05
C GLN B 164 -13.61 -5.12 14.82
N GLY B 165 -13.74 -3.99 14.11
CA GLY B 165 -13.52 -2.68 14.68
C GLY B 165 -14.74 -2.18 15.41
N GLY B 166 -14.50 -1.35 16.43
CA GLY B 166 -15.57 -0.67 17.15
C GLY B 166 -15.30 0.81 17.28
N TRP B 167 -16.26 1.62 16.88
CA TRP B 167 -16.14 3.05 16.94
C TRP B 167 -16.76 3.63 18.20
N ILE B 168 -16.13 4.62 18.80
CA ILE B 168 -16.61 5.30 19.99
C ILE B 168 -16.57 6.81 19.72
N SER B 169 -17.70 7.50 19.92
CA SER B 169 -17.81 8.96 19.73
C SER B 169 -18.17 9.53 21.09
N VAL B 170 -17.39 10.51 21.52
CA VAL B 170 -17.58 11.19 22.80
C VAL B 170 -17.95 12.61 22.45
N ASN B 171 -19.22 12.96 22.66
CA ASN B 171 -19.73 14.33 22.50
C ASN B 171 -19.61 15.08 23.82
N ILE B 172 -18.57 15.90 23.95
CA ILE B 172 -18.20 16.53 25.20
C ILE B 172 -19.08 17.75 25.41
N PRO B 173 -19.85 17.81 26.52
CA PRO B 173 -20.70 19.01 26.63
C PRO B 173 -19.92 20.31 26.75
N GLN B 174 -20.58 21.40 26.40
CA GLN B 174 -20.09 22.79 26.56
C GLN B 174 -19.69 23.10 28.00
N GLY B 175 -20.55 22.64 28.91
CA GLY B 175 -20.38 22.85 30.33
C GLY B 175 -19.24 22.06 30.96
N THR B 176 -18.71 21.07 30.27
CA THR B 176 -17.69 20.24 30.89
C THR B 176 -16.52 21.04 31.55
N LYS B 177 -16.15 20.66 32.76
CA LYS B 177 -15.05 21.33 33.43
C LYS B 177 -13.76 20.85 32.84
N ALA B 178 -12.81 21.76 32.67
CA ALA B 178 -11.52 21.41 32.13
C ALA B 178 -10.79 20.49 33.11
N GLY B 179 -10.17 19.43 32.60
CA GLY B 179 -9.46 18.46 33.45
C GLY B 179 -9.25 17.13 32.78
N LYS B 180 -8.63 16.21 33.51
CA LYS B 180 -8.29 14.88 33.01
C LYS B 180 -9.36 13.88 33.46
N TYR B 181 -10.04 13.24 32.49
CA TYR B 181 -11.17 12.35 32.73
C TYR B 181 -10.72 10.94 32.39
N THR B 182 -11.33 9.98 33.05
CA THR B 182 -10.94 8.57 32.97
C THR B 182 -12.19 7.75 32.85
N GLY B 183 -12.14 6.69 32.06
CA GLY B 183 -13.24 5.69 31.96
C GLY B 183 -12.81 4.33 31.43
N THR B 184 -13.77 3.41 31.41
CA THR B 184 -13.47 2.02 31.08
C THR B 184 -14.37 1.60 29.94
N VAL B 185 -13.75 0.99 28.93
CA VAL B 185 -14.47 0.38 27.80
C VAL B 185 -14.46 -1.10 28.09
N THR B 186 -15.64 -1.72 28.21
CA THR B 186 -15.71 -3.12 28.60
C THR B 186 -16.14 -3.90 27.37
N VAL B 187 -15.33 -4.86 26.94
CA VAL B 187 -15.65 -5.70 25.78
C VAL B 187 -16.09 -7.07 26.26
N LYS B 188 -17.25 -7.53 25.77
CA LYS B 188 -17.82 -8.83 26.18
C LYS B 188 -18.19 -9.71 25.00
N ALA B 189 -18.18 -11.01 25.27
CA ALA B 189 -18.76 -11.97 24.36
C ALA B 189 -19.07 -13.27 25.08
N ASP B 190 -19.92 -14.08 24.46
CA ASP B 190 -20.29 -15.42 24.99
C ASP B 190 -20.97 -15.34 26.36
N GLY B 191 -21.52 -14.18 26.74
CA GLY B 191 -21.83 -13.89 28.15
C GLY B 191 -20.71 -13.06 28.76
N ILE B 192 -19.51 -13.64 28.88
CA ILE B 192 -18.45 -13.10 29.75
C ILE B 192 -17.65 -11.87 29.20
N THR B 193 -16.84 -11.30 30.10
CA THR B 193 -16.08 -10.09 29.84
C THR B 193 -14.71 -10.47 29.25
N LEU B 194 -14.40 -9.91 28.09
CA LEU B 194 -13.17 -10.24 27.36
C LEU B 194 -12.01 -9.34 27.70
N SER B 195 -12.27 -8.05 27.80
CA SER B 195 -11.23 -7.09 28.09
C SER B 195 -11.82 -5.79 28.61
N GLU B 196 -11.05 -5.11 29.45
CA GLU B 196 -11.32 -3.72 29.83
C GLU B 196 -10.24 -2.83 29.22
N LEU B 197 -10.63 -1.82 28.46
CA LEU B 197 -9.67 -0.85 27.93
C LEU B 197 -9.85 0.49 28.62
N LYS B 198 -8.75 1.14 28.94
CA LYS B 198 -8.79 2.44 29.56
C LYS B 198 -8.85 3.53 28.48
N LEU B 199 -9.62 4.58 28.77
CA LEU B 199 -9.78 5.75 27.94
C LEU B 199 -9.55 7.00 28.80
N ASN B 200 -8.51 7.77 28.49
CA ASN B 200 -8.20 9.01 29.20
C ASN B 200 -8.51 10.14 28.28
N LEU B 201 -8.96 11.25 28.85
CA LEU B 201 -9.48 12.35 28.05
C LEU B 201 -9.17 13.65 28.77
N GLN B 202 -8.26 14.42 28.20
CA GLN B 202 -7.89 15.73 28.68
C GLN B 202 -8.87 16.70 28.01
N VAL B 203 -9.75 17.32 28.81
CA VAL B 203 -10.66 18.35 28.35
C VAL B 203 -9.97 19.66 28.63
N LYS B 204 -9.71 20.41 27.58
CA LYS B 204 -8.99 21.66 27.70
C LYS B 204 -9.96 22.78 28.03
N ASN B 205 -9.39 23.90 28.46
CA ASN B 205 -10.16 25.06 28.85
C ASN B 205 -10.45 25.96 27.65
N ARG B 206 -10.96 25.35 26.60
CA ARG B 206 -11.44 26.07 25.43
C ARG B 206 -12.76 25.46 25.03
N THR B 207 -13.65 26.30 24.53
CA THR B 207 -14.98 25.87 24.15
C THR B 207 -15.17 25.89 22.63
N LEU B 208 -15.72 24.81 22.10
CA LEU B 208 -16.12 24.74 20.73
C LEU B 208 -17.62 24.94 20.64
N PRO B 209 -18.07 25.85 19.77
CA PRO B 209 -19.50 26.05 19.68
C PRO B 209 -20.22 24.84 19.10
N PRO B 210 -21.52 24.76 19.29
CA PRO B 210 -22.25 23.65 18.73
C PRO B 210 -22.33 23.83 17.22
N PRO B 211 -22.68 22.76 16.50
CA PRO B 211 -22.64 22.79 15.04
C PRO B 211 -23.44 23.90 14.38
N SER B 212 -24.59 24.28 14.94
CA SER B 212 -25.38 25.35 14.37
C SER B 212 -24.57 26.63 14.30
N GLU B 213 -23.53 26.79 15.12
CA GLU B 213 -22.69 27.98 15.07
C GLU B 213 -21.37 27.86 14.29
N TRP B 214 -21.09 26.76 13.62
CA TRP B 214 -19.84 26.67 12.89
C TRP B 214 -19.84 27.55 11.65
N ALA B 215 -18.70 28.20 11.34
CA ALA B 215 -18.60 29.02 10.12
C ALA B 215 -18.58 28.16 8.87
N PHE B 216 -17.97 26.97 8.98
CA PHE B 216 -17.68 26.09 7.82
C PHE B 216 -18.90 25.87 6.96
N HIS B 217 -18.77 26.24 5.71
CA HIS B 217 -19.86 26.07 4.77
C HIS B 217 -19.75 24.66 4.16
N LEU B 218 -20.48 23.70 4.76
CA LEU B 218 -20.51 22.32 4.26
C LEU B 218 -21.76 22.16 3.41
N ASP B 219 -21.59 21.70 2.19
CA ASP B 219 -22.72 21.44 1.31
C ASP B 219 -22.57 20.03 0.82
N LEU B 220 -23.48 19.15 1.20
CA LEU B 220 -23.45 17.73 0.73
C LEU B 220 -24.84 17.45 0.15
N TRP B 221 -24.91 17.25 -1.17
CA TRP B 221 -26.24 17.35 -1.83
C TRP B 221 -27.17 16.21 -1.38
N GLN B 222 -28.37 16.54 -0.98
CA GLN B 222 -29.30 15.55 -0.38
C GLN B 222 -30.22 14.98 -1.43
N ASN B 223 -30.58 13.70 -1.26
CA ASN B 223 -31.48 13.00 -2.14
C ASN B 223 -32.61 12.35 -1.35
N PRO B 224 -33.71 13.11 -1.16
CA PRO B 224 -34.84 12.52 -0.42
C PRO B 224 -35.45 11.30 -1.13
N TYR B 225 -35.39 11.28 -2.46
CA TYR B 225 -36.00 10.22 -3.27
C TYR B 225 -35.29 8.86 -3.08
N ALA B 226 -34.02 8.88 -2.69
CA ALA B 226 -33.35 7.61 -2.34
C ALA B 226 -33.99 6.93 -1.14
N VAL B 227 -34.48 7.73 -0.17
CA VAL B 227 -34.97 7.23 1.09
C VAL B 227 -36.39 6.67 0.90
N SER B 228 -37.24 7.40 0.21
CA SER B 228 -38.55 6.91 -0.15
C SER B 228 -38.51 5.63 -0.96
N ARG B 229 -37.56 5.52 -1.87
CA ARG B 229 -37.37 4.25 -2.64
C ARG B 229 -36.87 3.09 -1.75
N TYR B 230 -35.84 3.31 -0.96
CA TYR B 230 -35.25 2.22 -0.18
C TYR B 230 -36.24 1.60 0.85
N TYR B 231 -37.05 2.46 1.47
CA TYR B 231 -37.98 2.03 2.51
C TYR B 231 -39.37 1.80 1.92
N ASN B 232 -39.49 1.94 0.61
CA ASN B 232 -40.72 1.79 -0.12
C ASN B 232 -41.92 2.51 0.52
N VAL B 233 -41.80 3.81 0.70
CA VAL B 233 -42.84 4.63 1.32
C VAL B 233 -43.09 5.76 0.41
N GLU B 234 -44.27 6.37 0.54
CA GLU B 234 -44.64 7.47 -0.35
C GLU B 234 -43.77 8.72 -0.11
N PRO B 235 -43.29 9.38 -1.20
CA PRO B 235 -42.49 10.59 -1.07
C PRO B 235 -43.25 11.72 -0.38
N PHE B 236 -42.61 12.26 0.65
CA PHE B 236 -43.07 13.41 1.46
C PHE B 236 -44.25 13.09 2.38
N SER B 237 -44.44 11.81 2.61
CA SER B 237 -45.35 11.30 3.65
C SER B 237 -44.69 11.48 5.02
N LYS B 238 -45.49 11.33 6.08
CA LYS B 238 -44.97 11.36 7.43
C LYS B 238 -43.92 10.28 7.62
N LYS B 239 -44.16 9.07 7.10
CA LYS B 239 -43.15 7.98 7.26
C LYS B 239 -41.84 8.34 6.57
N HIS B 240 -41.95 8.95 5.38
CA HIS B 240 -40.74 9.43 4.66
C HIS B 240 -39.93 10.42 5.51
N PHE B 241 -40.59 11.46 5.99
CA PHE B 241 -39.93 12.46 6.79
C PHE B 241 -39.36 11.90 8.10
N ASP B 242 -40.08 10.99 8.75
CA ASP B 242 -39.61 10.35 9.99
C ASP B 242 -38.36 9.55 9.77
N LEU B 243 -38.31 8.87 8.64
CA LEU B 243 -37.07 8.17 8.24
C LEU B 243 -35.94 9.14 7.95
N MET B 244 -36.25 10.27 7.30
CA MET B 244 -35.23 11.28 6.93
C MET B 244 -34.65 12.04 8.10
N ARG B 245 -35.45 12.25 9.15
CA ARG B 245 -35.09 13.12 10.26
C ARG B 245 -33.68 12.79 10.82
N PRO B 246 -33.46 11.60 11.37
CA PRO B 246 -32.13 11.34 11.96
C PRO B 246 -31.05 11.21 10.90
N LEU B 247 -31.45 10.87 9.67
CA LEU B 247 -30.51 10.73 8.59
C LEU B 247 -29.95 12.10 8.17
N MET B 248 -30.85 13.06 7.90
CA MET B 248 -30.45 14.42 7.62
C MET B 248 -29.78 15.11 8.85
N LYS B 249 -30.11 14.68 10.05
CA LYS B 249 -29.50 15.25 11.24
C LYS B 249 -28.00 14.98 11.27
N LEU B 250 -27.53 13.90 10.66
CA LEU B 250 -26.10 13.62 10.54
C LEU B 250 -25.43 14.73 9.76
N TYR B 251 -26.08 15.17 8.69
CA TYR B 251 -25.58 16.25 7.88
C TYR B 251 -25.61 17.56 8.66
N ALA B 252 -26.72 17.83 9.37
CA ALA B 252 -26.78 19.03 10.20
C ALA B 252 -25.69 19.07 11.30
N ASP B 253 -25.41 17.93 11.88
CA ASP B 253 -24.44 17.84 12.99
C ASP B 253 -22.99 17.91 12.49
N ALA B 254 -22.79 17.69 11.19
CA ALA B 254 -21.49 17.92 10.52
C ALA B 254 -21.24 19.44 10.16
N GLY B 255 -22.20 20.33 10.37
CA GLY B 255 -22.10 21.71 9.90
C GLY B 255 -22.89 22.06 8.65
N GLY B 256 -23.73 21.14 8.16
CA GLY B 256 -24.44 21.32 6.88
C GLY B 256 -25.20 22.62 6.82
N LYS B 257 -25.05 23.33 5.70
CA LYS B 257 -25.58 24.70 5.55
C LYS B 257 -26.60 24.85 4.43
N VAL B 258 -26.59 23.89 3.48
CA VAL B 258 -27.30 24.02 2.20
C VAL B 258 -28.33 22.93 1.98
N ILE B 259 -29.54 23.36 1.64
CA ILE B 259 -30.66 22.49 1.29
C ILE B 259 -30.69 22.31 -0.23
N THR B 260 -30.59 21.07 -0.74
CA THR B 260 -30.79 20.75 -2.13
C THR B 260 -32.26 20.76 -2.50
N ALA B 261 -32.62 21.47 -3.57
CA ALA B 261 -33.98 21.49 -4.02
C ALA B 261 -33.99 21.18 -5.50
N SER B 262 -34.87 20.25 -5.88
CA SER B 262 -35.10 19.98 -7.30
C SER B 262 -36.38 20.69 -7.73
N ILE B 263 -36.22 21.78 -8.47
CA ILE B 263 -37.33 22.65 -8.86
C ILE B 263 -37.90 22.30 -10.20
N MET B 264 -37.44 21.19 -10.76
CA MET B 264 -37.96 20.66 -11.98
C MET B 264 -37.62 19.19 -12.06
N HIS B 265 -38.18 18.56 -13.06
CA HIS B 265 -38.07 17.15 -13.30
C HIS B 265 -36.69 16.70 -13.76
N LYS B 266 -36.03 15.84 -12.96
CA LYS B 266 -34.76 15.19 -13.26
C LYS B 266 -33.65 16.14 -13.60
N PRO B 267 -33.21 16.95 -12.64
CA PRO B 267 -32.13 17.91 -12.90
C PRO B 267 -30.80 17.25 -13.35
N TRP B 268 -30.56 16.03 -12.92
CA TRP B 268 -29.34 15.33 -13.32
C TRP B 268 -29.63 14.14 -14.17
N ASN B 269 -30.74 14.20 -14.89
CA ASN B 269 -31.21 13.12 -15.79
C ASN B 269 -31.15 11.71 -15.24
N GLY B 270 -31.45 11.56 -13.96
CA GLY B 270 -31.37 10.27 -13.31
C GLY B 270 -30.03 9.55 -13.37
N GLN B 271 -28.94 10.32 -13.19
CA GLN B 271 -27.60 9.77 -13.15
C GLN B 271 -27.41 8.93 -11.89
N THR B 272 -28.14 9.26 -10.80
CA THR B 272 -28.11 8.46 -9.55
C THR B 272 -29.15 7.32 -9.68
N TYR B 273 -28.98 6.27 -8.86
CA TYR B 273 -29.97 5.13 -8.84
C TYR B 273 -31.40 5.66 -8.68
N ASP B 274 -31.56 6.67 -7.83
CA ASP B 274 -32.85 7.33 -7.70
C ASP B 274 -32.81 8.68 -8.31
N ALA B 275 -33.66 8.94 -9.32
CA ALA B 275 -33.71 10.26 -9.95
C ALA B 275 -34.39 11.24 -9.02
N PHE B 276 -34.19 12.53 -9.26
CA PHE B 276 -34.90 13.53 -8.54
C PHE B 276 -36.14 13.91 -9.30
N GLU B 277 -37.30 13.78 -8.66
CA GLU B 277 -38.52 14.44 -9.20
C GLU B 277 -38.61 15.93 -8.88
N SER B 278 -39.56 16.58 -9.52
CA SER B 278 -39.77 18.01 -9.31
C SER B 278 -40.49 18.22 -7.96
N MET B 279 -39.99 19.16 -7.16
CA MET B 279 -40.60 19.58 -5.95
C MET B 279 -41.59 20.75 -6.17
N VAL B 280 -41.82 21.08 -7.43
CA VAL B 280 -42.71 22.17 -7.83
C VAL B 280 -43.62 21.59 -8.93
N THR B 281 -44.90 21.89 -8.82
CA THR B 281 -45.85 21.59 -9.89
C THR B 281 -45.83 22.75 -10.91
N TRP B 282 -45.49 22.44 -12.14
CA TRP B 282 -45.51 23.38 -13.27
C TRP B 282 -46.74 23.08 -14.10
N LEU B 283 -47.80 23.85 -13.91
CA LEU B 283 -49.03 23.55 -14.63
C LEU B 283 -49.32 24.61 -15.67
N LYS B 284 -49.37 24.20 -16.93
CA LYS B 284 -49.74 25.08 -18.01
C LYS B 284 -51.16 24.87 -18.31
N LYS B 285 -51.93 25.90 -18.04
CA LYS B 285 -53.32 25.81 -18.13
C LYS B 285 -53.76 26.07 -19.55
N ALA B 286 -55.00 25.68 -19.85
CA ALA B 286 -55.52 25.80 -21.18
C ALA B 286 -55.97 27.22 -21.63
N ASP B 287 -55.83 28.23 -20.78
CA ASP B 287 -56.16 29.63 -21.14
C ASP B 287 -54.86 30.44 -21.35
N GLY B 288 -53.73 29.79 -21.59
CA GLY B 288 -52.46 30.47 -21.76
C GLY B 288 -51.79 30.95 -20.49
N THR B 289 -52.31 30.54 -19.34
CA THR B 289 -51.85 30.96 -18.03
C THR B 289 -51.16 29.75 -17.43
N TRP B 290 -50.40 29.98 -16.36
CA TRP B 290 -49.69 28.95 -15.65
C TRP B 290 -50.07 28.99 -14.17
N TYR B 291 -49.94 27.83 -13.54
CA TYR B 291 -50.11 27.73 -12.12
C TYR B 291 -48.96 26.97 -11.62
N PHE B 292 -48.28 27.50 -10.62
CA PHE B 292 -47.16 26.81 -10.00
C PHE B 292 -47.50 26.55 -8.51
N ASP B 293 -47.14 25.38 -8.04
CA ASP B 293 -47.40 25.03 -6.67
C ASP B 293 -46.18 24.48 -6.03
N TYR B 294 -45.87 25.03 -4.85
CA TYR B 294 -44.60 24.79 -4.21
C TYR B 294 -44.71 23.93 -2.95
N THR B 295 -45.82 23.21 -2.80
CA THR B 295 -46.10 22.51 -1.53
C THR B 295 -45.01 21.54 -1.13
N VAL B 296 -44.55 20.73 -2.08
CA VAL B 296 -43.46 19.80 -1.75
C VAL B 296 -42.16 20.57 -1.40
N PHE B 297 -41.76 21.53 -2.27
CA PHE B 297 -40.58 22.39 -2.02
C PHE B 297 -40.68 22.95 -0.60
N ASP B 298 -41.83 23.53 -0.29
CA ASP B 298 -41.96 24.16 1.01
C ASP B 298 -41.86 23.20 2.18
N LYS B 299 -42.48 22.04 2.08
CA LYS B 299 -42.38 21.00 3.14
C LYS B 299 -40.95 20.54 3.38
N TRP B 300 -40.25 20.27 2.29
CA TRP B 300 -38.88 19.81 2.33
C TRP B 300 -37.97 20.87 2.94
N VAL B 301 -38.12 22.11 2.48
CA VAL B 301 -37.27 23.20 2.99
C VAL B 301 -37.57 23.40 4.48
N GLU B 302 -38.84 23.46 4.86
CA GLU B 302 -39.20 23.64 6.31
C GLU B 302 -38.66 22.52 7.20
N PHE B 303 -38.71 21.30 6.69
CA PHE B 303 -38.23 20.15 7.39
C PHE B 303 -36.74 20.32 7.66
N MET B 304 -35.98 20.69 6.63
CA MET B 304 -34.50 20.80 6.78
C MET B 304 -34.10 21.97 7.66
N MET B 305 -34.80 23.08 7.50
CA MET B 305 -34.68 24.21 8.42
C MET B 305 -34.90 23.86 9.90
N ASP B 306 -35.94 23.08 10.18
CA ASP B 306 -36.24 22.59 11.52
C ASP B 306 -35.07 21.74 12.10
N LEU B 307 -34.44 20.93 11.26
CA LEU B 307 -33.19 20.24 11.60
C LEU B 307 -31.97 21.10 11.80
N GLY B 308 -32.03 22.35 11.36
CA GLY B 308 -30.90 23.27 11.48
C GLY B 308 -30.12 23.56 10.22
N VAL B 309 -30.57 23.05 9.06
CA VAL B 309 -29.96 23.35 7.80
C VAL B 309 -30.75 24.52 7.20
N LYS B 310 -30.20 25.71 7.29
CA LYS B 310 -30.99 26.92 6.94
C LYS B 310 -30.20 28.10 6.34
N LYS B 311 -28.93 27.92 6.02
CA LYS B 311 -28.13 29.03 5.50
C LYS B 311 -28.52 29.33 4.04
N GLN B 312 -28.84 28.31 3.29
CA GLN B 312 -28.93 28.41 1.85
C GLN B 312 -29.80 27.33 1.25
N ILE B 313 -30.55 27.71 0.23
CA ILE B 313 -31.26 26.75 -0.58
C ILE B 313 -30.67 26.89 -2.00
N SER B 314 -30.25 25.76 -2.60
CA SER B 314 -29.80 25.67 -3.97
C SER B 314 -30.81 24.93 -4.83
N CYS B 315 -31.20 25.53 -5.93
CA CYS B 315 -32.27 25.03 -6.79
C CYS B 315 -31.71 24.52 -8.13
N TYR B 316 -31.96 23.26 -8.43
CA TYR B 316 -31.48 22.58 -9.59
C TYR B 316 -32.68 22.17 -10.45
N SER B 317 -32.60 22.29 -11.77
CA SER B 317 -31.55 22.87 -12.57
C SER B 317 -32.15 23.51 -13.81
N MET B 318 -31.70 24.73 -14.13
CA MET B 318 -31.94 25.35 -15.43
C MET B 318 -31.19 24.75 -16.57
N VAL B 319 -30.20 23.89 -16.29
CA VAL B 319 -29.25 23.43 -17.28
C VAL B 319 -28.97 21.94 -17.22
N PRO B 320 -30.03 21.10 -17.09
CA PRO B 320 -29.78 19.68 -17.31
C PRO B 320 -29.06 19.36 -18.64
N TRP B 321 -28.12 18.41 -18.66
CA TRP B 321 -27.49 17.93 -19.93
C TRP B 321 -28.46 17.84 -21.14
N ARG B 322 -29.62 17.23 -20.93
CA ARG B 322 -30.54 16.99 -22.02
C ARG B 322 -31.41 18.15 -22.43
N LEU B 323 -31.46 19.19 -21.62
CA LEU B 323 -32.13 20.40 -22.02
C LEU B 323 -33.57 20.14 -22.53
N SER B 324 -34.28 19.37 -21.70
CA SER B 324 -35.64 18.95 -22.01
C SER B 324 -36.42 19.13 -20.73
N PHE B 325 -37.34 20.07 -20.72
CA PHE B 325 -38.00 20.56 -19.51
C PHE B 325 -39.47 20.04 -19.41
N GLN B 326 -39.76 19.15 -18.47
CA GLN B 326 -41.16 18.68 -18.23
C GLN B 326 -42.08 19.83 -17.73
N TYR B 327 -43.32 19.77 -18.13
CA TYR B 327 -44.40 20.52 -17.51
C TYR B 327 -45.73 19.73 -17.62
N PHE B 328 -46.68 20.04 -16.73
CA PHE B 328 -48.00 19.38 -16.79
C PHE B 328 -48.83 20.26 -17.73
N ASP B 329 -49.20 19.70 -18.88
CA ASP B 329 -50.06 20.37 -19.84
C ASP B 329 -51.53 20.05 -19.55
N GLN B 330 -52.28 21.05 -19.08
CA GLN B 330 -53.68 20.88 -18.76
C GLN B 330 -54.50 20.52 -19.97
N ALA B 331 -54.25 21.17 -21.10
CA ALA B 331 -55.17 20.98 -22.22
C ALA B 331 -55.27 19.49 -22.62
N SER B 332 -54.15 18.76 -22.56
CA SER B 332 -54.08 17.35 -22.95
C SER B 332 -54.10 16.45 -21.74
N ASN B 333 -54.23 17.06 -20.54
CA ASN B 333 -54.09 16.36 -19.28
C ASN B 333 -52.90 15.36 -19.24
N SER B 334 -51.72 15.84 -19.59
CA SER B 334 -50.53 14.98 -19.73
C SER B 334 -49.24 15.80 -19.53
N PHE B 335 -48.20 15.09 -19.18
CA PHE B 335 -46.88 15.65 -19.14
C PHE B 335 -46.38 15.86 -20.55
N LYS B 336 -45.84 17.03 -20.80
CA LYS B 336 -45.08 17.29 -21.99
C LYS B 336 -43.68 17.82 -21.65
N PHE B 337 -42.86 17.93 -22.69
CA PHE B 337 -41.53 18.47 -22.57
C PHE B 337 -41.28 19.60 -23.56
N LEU B 338 -40.62 20.65 -23.05
CA LEU B 338 -40.05 21.69 -23.90
C LEU B 338 -38.56 21.44 -24.08
N ASP B 339 -38.15 21.19 -25.32
CA ASP B 339 -36.74 21.16 -25.72
C ASP B 339 -36.28 22.54 -26.12
N ALA B 340 -35.45 23.14 -25.29
CA ALA B 340 -34.98 24.49 -25.48
C ALA B 340 -33.65 24.67 -24.76
N LYS B 341 -32.81 25.54 -25.32
CA LYS B 341 -31.42 25.70 -24.88
C LYS B 341 -31.15 27.14 -24.47
N PRO B 342 -30.26 27.31 -23.50
CA PRO B 342 -29.77 28.62 -23.20
C PRO B 342 -29.31 29.36 -24.45
N GLY B 343 -29.82 30.58 -24.62
CA GLY B 343 -29.51 31.43 -25.78
C GLY B 343 -30.69 31.40 -26.75
N GLU B 344 -31.71 30.61 -26.41
CA GLU B 344 -32.95 30.58 -27.20
C GLU B 344 -34.05 31.41 -26.50
N VAL B 345 -34.92 32.02 -27.30
CA VAL B 345 -35.99 32.83 -26.79
C VAL B 345 -37.00 31.95 -26.02
N ALA B 346 -37.30 30.74 -26.54
CA ALA B 346 -38.28 29.88 -25.87
C ALA B 346 -37.76 29.51 -24.47
N TYR B 347 -36.44 29.32 -24.33
CA TYR B 347 -35.85 29.00 -23.07
C TYR B 347 -36.05 30.15 -22.08
N GLU B 348 -35.67 31.30 -22.50
CA GLU B 348 -35.93 32.51 -21.74
C GLU B 348 -37.39 32.70 -21.31
N GLU B 349 -38.33 32.51 -22.23
CA GLU B 349 -39.75 32.77 -21.96
C GLU B 349 -40.27 31.76 -20.90
N PHE B 350 -39.85 30.50 -21.05
CA PHE B 350 -40.32 29.40 -20.19
C PHE B 350 -39.76 29.56 -18.78
N TRP B 351 -38.45 29.82 -18.67
CA TRP B 351 -37.82 30.01 -17.36
C TRP B 351 -38.13 31.34 -16.69
N MET B 352 -38.25 32.41 -17.46
CA MET B 352 -38.66 33.70 -16.86
C MET B 352 -40.01 33.55 -16.22
N ASN B 353 -40.91 32.83 -16.88
CA ASN B 353 -42.28 32.71 -16.42
C ASN B 353 -42.32 32.00 -15.04
N MET B 354 -41.58 30.92 -14.89
CA MET B 354 -41.55 30.24 -13.64
C MET B 354 -40.76 31.04 -12.60
N LEU B 355 -39.59 31.57 -12.99
CA LEU B 355 -38.71 32.20 -12.01
C LEU B 355 -39.35 33.46 -11.43
N GLN B 356 -40.17 34.16 -12.17
CA GLN B 356 -40.83 35.38 -11.65
C GLN B 356 -41.92 35.02 -10.63
N ASP B 357 -42.59 33.90 -10.87
CA ASP B 357 -43.55 33.37 -9.90
C ASP B 357 -42.81 32.86 -8.66
N PHE B 358 -41.71 32.14 -8.89
CA PHE B 358 -40.94 31.55 -7.84
C PHE B 358 -40.42 32.66 -6.91
N SER B 359 -39.91 33.73 -7.52
CA SER B 359 -39.42 34.90 -6.79
C SER B 359 -40.47 35.46 -5.82
N LYS B 360 -41.68 35.67 -6.32
CA LYS B 360 -42.76 36.19 -5.46
C LYS B 360 -43.08 35.22 -4.30
N HIS B 361 -43.13 33.91 -4.62
CA HIS B 361 -43.38 32.89 -3.63
C HIS B 361 -42.27 32.91 -2.56
N LEU B 362 -40.99 32.92 -2.99
CA LEU B 362 -39.88 32.90 -2.03
C LEU B 362 -39.87 34.16 -1.11
N LYS B 363 -40.22 35.30 -1.68
CA LYS B 363 -40.38 36.52 -0.91
C LYS B 363 -41.53 36.43 0.08
N ALA B 364 -42.66 35.85 -0.32
CA ALA B 364 -43.76 35.58 0.64
C ALA B 364 -43.30 34.68 1.76
N LYS B 365 -42.45 33.72 1.48
CA LYS B 365 -41.99 32.83 2.55
C LYS B 365 -40.86 33.42 3.40
N GLY B 366 -40.27 34.52 2.94
CA GLY B 366 -39.07 35.06 3.55
C GLY B 366 -37.78 34.31 3.25
N TRP B 367 -37.70 33.59 2.13
CA TRP B 367 -36.53 32.75 1.81
C TRP B 367 -35.72 33.30 0.63
N PHE B 368 -36.12 34.45 0.08
CA PHE B 368 -35.56 34.89 -1.19
C PHE B 368 -34.06 35.18 -1.11
N ASP B 369 -33.64 35.81 -0.01
CA ASP B 369 -32.22 36.15 0.19
C ASP B 369 -31.28 34.95 0.29
N ILE B 370 -31.78 33.77 0.62
CA ILE B 370 -30.93 32.59 0.77
C ILE B 370 -31.08 31.63 -0.36
N THR B 371 -32.00 31.91 -1.28
CA THR B 371 -32.25 30.97 -2.38
C THR B 371 -31.36 31.24 -3.61
N HIS B 372 -30.61 30.21 -4.04
CA HIS B 372 -29.66 30.30 -5.17
C HIS B 372 -30.17 29.41 -6.33
N ILE B 373 -30.11 29.99 -7.53
CA ILE B 373 -30.34 29.26 -8.74
C ILE B 373 -28.97 28.72 -9.16
N ALA B 374 -28.86 27.39 -9.24
CA ALA B 374 -27.58 26.72 -9.48
C ALA B 374 -27.30 26.54 -10.97
N MET B 375 -26.20 27.15 -11.42
CA MET B 375 -25.68 26.93 -12.76
C MET B 375 -24.77 25.71 -12.69
N ASP B 376 -24.26 25.32 -13.84
CA ASP B 376 -23.29 24.22 -13.91
C ASP B 376 -22.28 24.46 -15.05
N GLU B 377 -21.18 23.71 -15.02
CA GLU B 377 -20.07 23.90 -15.96
C GLU B 377 -20.56 23.58 -17.39
N ARG B 378 -20.75 24.62 -18.21
CA ARG B 378 -21.16 24.47 -19.60
C ARG B 378 -20.26 25.40 -20.40
N PRO B 379 -20.32 25.32 -21.74
CA PRO B 379 -19.58 26.30 -22.55
C PRO B 379 -19.90 27.76 -22.12
N MET B 380 -18.90 28.67 -22.17
CA MET B 380 -19.06 30.00 -21.52
C MET B 380 -20.32 30.72 -22.04
N LYS B 381 -20.51 30.77 -23.36
CA LYS B 381 -21.66 31.47 -23.92
C LYS B 381 -23.02 30.94 -23.39
N ASP B 382 -23.12 29.62 -23.20
CA ASP B 382 -24.35 29.02 -22.60
C ASP B 382 -24.54 29.43 -21.16
N MET B 383 -23.47 29.42 -20.40
CA MET B 383 -23.56 29.87 -18.99
C MET B 383 -23.97 31.37 -18.86
N GLN B 384 -23.43 32.24 -19.74
CA GLN B 384 -23.84 33.63 -19.73
C GLN B 384 -25.28 33.83 -20.15
N GLU B 385 -25.76 33.01 -21.08
CA GLU B 385 -27.15 33.14 -21.50
C GLU B 385 -28.10 32.70 -20.38
N THR B 386 -27.70 31.69 -19.63
CA THR B 386 -28.50 31.21 -18.49
C THR B 386 -28.54 32.31 -17.44
N LEU B 387 -27.37 32.87 -17.10
CA LEU B 387 -27.34 33.99 -16.18
C LEU B 387 -28.19 35.20 -16.63
N LYS B 388 -28.21 35.52 -17.92
CA LYS B 388 -29.08 36.58 -18.43
C LYS B 388 -30.58 36.33 -18.17
N VAL B 389 -31.01 35.10 -18.36
CA VAL B 389 -32.42 34.77 -18.06
C VAL B 389 -32.73 34.98 -16.55
N ILE B 390 -31.83 34.49 -15.70
CA ILE B 390 -32.05 34.60 -14.27
C ILE B 390 -32.17 36.06 -13.86
N ARG B 391 -31.27 36.91 -14.34
CA ARG B 391 -31.30 38.30 -13.96
C ARG B 391 -32.46 39.01 -14.61
N LYS B 392 -32.88 38.61 -15.81
CA LYS B 392 -34.09 39.19 -16.36
C LYS B 392 -35.33 38.81 -15.50
N ALA B 393 -35.38 37.61 -14.98
CA ALA B 393 -36.53 37.22 -14.11
C ALA B 393 -36.51 38.01 -12.81
N ASP B 394 -35.37 38.04 -12.15
CA ASP B 394 -35.27 38.88 -10.98
C ASP B 394 -33.83 39.35 -10.81
N LYS B 395 -33.63 40.66 -10.86
CA LYS B 395 -32.26 41.18 -10.78
C LYS B 395 -31.55 40.83 -9.47
N ASP B 396 -32.30 40.54 -8.40
CA ASP B 396 -31.63 40.13 -7.12
C ASP B 396 -31.53 38.65 -6.83
N PHE B 397 -31.92 37.79 -7.77
CA PHE B 397 -31.71 36.35 -7.58
C PHE B 397 -30.25 36.05 -7.31
N LYS B 398 -29.99 35.26 -6.28
CA LYS B 398 -28.66 34.75 -6.09
C LYS B 398 -28.44 33.52 -6.98
N VAL B 399 -27.19 33.30 -7.32
CA VAL B 399 -26.81 32.27 -8.29
C VAL B 399 -25.62 31.52 -7.71
N SER B 400 -25.53 30.22 -7.98
CA SER B 400 -24.35 29.42 -7.56
C SER B 400 -23.76 28.63 -8.69
N LEU B 401 -22.56 28.12 -8.45
CA LEU B 401 -21.91 27.27 -9.42
C LEU B 401 -20.90 26.41 -8.73
N ALA B 402 -20.86 25.14 -9.07
CA ALA B 402 -19.74 24.28 -8.78
C ALA B 402 -19.14 23.90 -10.08
N GLY B 403 -17.91 24.34 -10.36
CA GLY B 403 -17.24 24.07 -11.63
C GLY B 403 -15.80 24.54 -11.66
N THR B 404 -15.37 25.08 -12.80
CA THR B 404 -13.99 25.61 -12.90
C THR B 404 -13.95 27.15 -12.76
N TYR B 405 -12.73 27.69 -12.72
CA TYR B 405 -12.43 29.10 -12.61
C TYR B 405 -12.83 29.86 -13.88
N HIS B 406 -13.70 30.84 -13.73
CA HIS B 406 -14.02 31.75 -14.79
C HIS B 406 -13.98 33.18 -14.29
N LYS B 407 -12.96 33.92 -14.71
CA LYS B 407 -12.79 35.27 -14.22
C LYS B 407 -14.05 36.11 -14.56
N GLU B 408 -14.69 35.84 -15.69
CA GLU B 408 -15.90 36.54 -16.12
C GLU B 408 -17.08 36.43 -15.17
N LEU B 409 -17.10 35.45 -14.29
CA LEU B 409 -18.29 35.15 -13.46
C LEU B 409 -18.08 35.42 -11.98
N LEU B 410 -16.88 35.85 -11.61
CA LEU B 410 -16.54 36.05 -10.21
C LEU B 410 -17.50 36.97 -9.46
N ASP B 411 -17.99 38.02 -10.08
CA ASP B 411 -18.90 38.91 -9.36
C ASP B 411 -20.36 38.53 -9.52
N ASP B 412 -20.65 37.63 -10.44
CA ASP B 412 -22.03 37.20 -10.62
C ASP B 412 -22.46 36.05 -9.69
N LEU B 413 -21.50 35.32 -9.15
CA LEU B 413 -21.78 34.08 -8.46
C LEU B 413 -21.71 34.31 -6.96
N ASN B 414 -22.86 34.24 -6.28
CA ASN B 414 -22.92 34.43 -4.82
C ASN B 414 -22.33 33.24 -4.06
N ASP B 415 -22.42 32.08 -4.66
CA ASP B 415 -21.79 30.85 -4.15
C ASP B 415 -20.98 30.23 -5.31
N TYR B 416 -19.67 30.14 -5.11
CA TYR B 416 -18.78 29.68 -6.18
C TYR B 416 -17.94 28.61 -5.57
N CYS B 417 -18.12 27.41 -6.07
CA CYS B 417 -17.34 26.29 -5.66
C CYS B 417 -16.51 25.76 -6.85
N ILE B 418 -15.19 25.72 -6.64
CA ILE B 418 -14.22 25.47 -7.68
C ILE B 418 -13.60 24.06 -7.52
N THR B 419 -13.18 23.43 -8.60
CA THR B 419 -12.39 22.20 -8.47
C THR B 419 -11.14 22.36 -7.54
N ILE B 420 -10.80 21.30 -6.80
CA ILE B 420 -9.59 21.30 -5.93
C ILE B 420 -8.30 21.72 -6.72
N ALA B 421 -8.21 21.38 -7.98
CA ALA B 421 -7.01 21.64 -8.79
C ALA B 421 -6.82 23.13 -9.10
N GLU B 422 -7.85 23.94 -9.05
CA GLU B 422 -7.72 25.34 -9.43
C GLU B 422 -7.83 26.26 -8.22
N LYS B 423 -7.28 27.45 -8.30
CA LYS B 423 -7.24 28.34 -7.14
C LYS B 423 -7.69 29.72 -7.51
N PHE B 424 -8.51 30.33 -6.67
CA PHE B 424 -8.71 31.77 -6.70
C PHE B 424 -7.47 32.47 -6.12
N THR B 425 -7.22 33.71 -6.57
CA THR B 425 -6.19 34.52 -5.95
C THR B 425 -6.60 34.95 -4.55
N PRO B 426 -5.63 35.28 -3.69
CA PRO B 426 -6.02 35.79 -2.38
C PRO B 426 -6.92 37.04 -2.44
N GLU B 427 -6.63 37.92 -3.39
CA GLU B 427 -7.36 39.16 -3.63
C GLU B 427 -8.80 38.80 -4.04
N GLU B 428 -8.97 37.80 -4.91
CA GLU B 428 -10.35 37.35 -5.27
C GLU B 428 -11.12 36.80 -4.06
N ILE B 429 -10.45 35.97 -3.26
CA ILE B 429 -11.10 35.39 -2.10
C ILE B 429 -11.53 36.50 -1.15
N GLU B 430 -10.63 37.42 -0.89
CA GLU B 430 -10.92 38.49 0.04
C GLU B 430 -12.08 39.34 -0.37
N ALA B 431 -12.10 39.75 -1.64
CA ALA B 431 -13.25 40.52 -2.16
C ALA B 431 -14.56 39.77 -2.06
N ARG B 432 -14.55 38.49 -2.41
CA ARG B 432 -15.78 37.71 -2.29
C ARG B 432 -16.26 37.59 -0.82
N ARG B 433 -15.31 37.34 0.09
CA ARG B 433 -15.62 37.29 1.50
C ARG B 433 -16.20 38.61 1.99
N LYS B 434 -15.52 39.69 1.69
CA LYS B 434 -15.98 41.01 2.18
C LYS B 434 -17.36 41.38 1.62
N ALA B 435 -17.65 40.86 0.43
CA ALA B 435 -18.96 41.01 -0.20
C ALA B 435 -20.03 40.06 0.33
N GLY B 436 -19.69 39.21 1.32
CA GLY B 436 -20.64 38.25 1.89
C GLY B 436 -20.98 37.12 0.94
N LYS B 437 -20.11 36.83 -0.01
CA LYS B 437 -20.35 35.75 -0.93
C LYS B 437 -19.67 34.50 -0.40
N VAL B 438 -20.03 33.35 -0.94
CA VAL B 438 -19.41 32.10 -0.45
C VAL B 438 -18.45 31.52 -1.47
N THR B 439 -17.32 31.00 -0.98
CA THR B 439 -16.28 30.53 -1.86
C THR B 439 -15.78 29.23 -1.29
N THR B 440 -15.87 28.16 -2.06
CA THR B 440 -15.48 26.83 -1.55
C THR B 440 -14.80 26.00 -2.62
N TYR B 441 -14.51 24.75 -2.31
CA TYR B 441 -14.07 23.79 -3.33
C TYR B 441 -14.73 22.42 -3.24
N TYR B 442 -14.55 21.58 -4.27
CA TYR B 442 -15.04 20.24 -4.26
C TYR B 442 -14.09 19.19 -4.81
N THR B 443 -14.36 17.95 -4.45
CA THR B 443 -13.80 16.78 -5.11
C THR B 443 -14.97 15.97 -5.65
N CYS B 444 -14.66 15.09 -6.57
CA CYS B 444 -15.67 14.21 -7.17
C CYS B 444 -14.96 12.96 -7.71
N CYS B 445 -15.48 12.35 -8.77
CA CYS B 445 -14.84 11.14 -9.26
C CYS B 445 -13.48 11.45 -9.85
N THR B 446 -13.22 12.72 -10.18
CA THR B 446 -11.90 13.07 -10.79
C THR B 446 -10.65 12.71 -9.95
N GLU B 447 -10.67 12.99 -8.67
CA GLU B 447 -9.41 13.00 -7.90
C GLU B 447 -9.15 11.62 -7.27
N PRO B 448 -8.02 11.04 -7.59
CA PRO B 448 -7.79 9.78 -6.92
C PRO B 448 -7.66 9.97 -5.39
N ARG B 449 -7.12 11.12 -4.97
CA ARG B 449 -7.01 11.55 -3.55
C ARG B 449 -6.92 13.08 -3.57
N PRO B 450 -7.21 13.77 -2.47
CA PRO B 450 -7.95 13.26 -1.35
C PRO B 450 -9.41 13.06 -1.76
N ASN B 451 -10.04 12.02 -1.22
CA ASN B 451 -11.43 11.75 -1.49
C ASN B 451 -12.14 10.87 -0.44
N THR B 452 -13.45 10.64 -0.69
CA THR B 452 -14.39 9.95 0.17
C THR B 452 -15.04 8.74 -0.59
N PHE B 453 -14.24 8.08 -1.41
CA PHE B 453 -14.63 6.77 -1.91
C PHE B 453 -14.60 5.83 -0.70
N THR B 454 -15.30 4.72 -0.77
CA THR B 454 -15.26 3.77 0.37
C THR B 454 -13.89 3.12 0.64
N PHE B 455 -13.00 3.13 -0.37
CA PHE B 455 -11.57 2.64 -0.25
C PHE B 455 -10.58 3.77 0.11
N SER B 456 -11.01 5.03 0.09
CA SER B 456 -10.13 6.16 0.46
C SER B 456 -9.69 5.99 1.90
N GLU B 457 -8.50 6.49 2.20
CA GLU B 457 -8.00 6.43 3.58
C GLU B 457 -8.86 7.38 4.41
N PRO B 458 -9.22 6.95 5.66
CA PRO B 458 -10.06 7.73 6.56
C PRO B 458 -9.61 9.17 6.74
N ALA B 459 -8.32 9.39 6.87
CA ALA B 459 -7.79 10.73 7.10
C ALA B 459 -8.01 11.67 5.92
N GLU B 460 -8.17 11.14 4.72
CA GLU B 460 -8.38 11.99 3.55
C GLU B 460 -9.63 12.82 3.77
N ALA B 461 -10.62 12.23 4.41
CA ALA B 461 -11.85 12.90 4.66
C ALA B 461 -11.66 14.08 5.56
N GLU B 462 -10.85 13.88 6.61
CA GLU B 462 -10.53 14.99 7.51
C GLU B 462 -9.70 16.04 6.78
N TRP B 463 -8.75 15.59 5.97
CA TRP B 463 -7.80 16.44 5.24
C TRP B 463 -8.58 17.51 4.40
N LEU B 464 -9.73 17.13 3.88
CA LEU B 464 -10.52 18.01 3.02
C LEU B 464 -10.88 19.31 3.74
N ALA B 465 -11.23 19.21 5.01
CA ALA B 465 -11.58 20.40 5.80
C ALA B 465 -10.39 21.28 6.16
N TRP B 466 -9.28 20.64 6.48
CA TRP B 466 -8.02 21.38 6.67
C TRP B 466 -7.59 22.09 5.39
N HIS B 467 -7.85 21.45 4.23
CA HIS B 467 -7.49 22.04 2.98
C HIS B 467 -8.27 23.37 2.81
N SER B 468 -9.52 23.37 3.25
CA SER B 468 -10.35 24.61 3.18
C SER B 468 -9.68 25.70 3.96
N ALA B 469 -9.19 25.36 5.16
CA ALA B 469 -8.44 26.32 5.99
C ALA B 469 -7.12 26.76 5.33
N LYS B 470 -6.31 25.83 4.84
CA LYS B 470 -5.12 26.22 4.11
C LYS B 470 -5.38 27.27 3.01
N GLU B 471 -6.41 27.01 2.21
CA GLU B 471 -6.71 27.82 1.02
C GLU B 471 -7.51 29.08 1.35
N ASN B 472 -7.79 29.27 2.61
CA ASN B 472 -8.62 30.39 3.02
C ASN B 472 -10.02 30.43 2.41
N LEU B 473 -10.57 29.25 2.19
CA LEU B 473 -11.91 29.11 1.63
C LEU B 473 -12.91 28.91 2.78
N ASP B 474 -14.18 29.06 2.44
CA ASP B 474 -15.26 28.97 3.45
C ASP B 474 -15.65 27.54 3.84
N GLY B 475 -15.28 26.56 3.01
CA GLY B 475 -15.72 25.19 3.30
C GLY B 475 -15.55 24.26 2.11
N TYR B 476 -16.51 23.36 1.95
CA TYR B 476 -16.36 22.19 1.08
C TYR B 476 -17.69 21.69 0.61
N LEU B 477 -17.75 21.28 -0.66
CA LEU B 477 -18.95 20.76 -1.30
C LEU B 477 -18.68 19.41 -1.92
N ARG B 478 -19.63 18.51 -1.77
CA ARG B 478 -19.67 17.26 -2.49
C ARG B 478 -21.08 16.94 -2.97
N TRP B 479 -21.14 16.26 -4.10
CA TRP B 479 -22.40 16.17 -4.88
C TRP B 479 -23.45 15.12 -4.41
N ALA B 480 -23.10 14.32 -3.42
CA ALA B 480 -24.00 13.21 -2.97
C ALA B 480 -23.78 12.81 -1.51
N LEU B 481 -24.63 13.35 -0.65
CA LEU B 481 -24.80 12.89 0.71
C LEU B 481 -25.28 11.45 0.81
N ASN B 482 -26.34 11.14 0.07
CA ASN B 482 -27.07 9.91 0.32
C ASN B 482 -27.80 9.44 -0.96
N SER B 483 -27.12 9.54 -2.11
CA SER B 483 -27.72 8.96 -3.38
C SER B 483 -27.47 7.49 -3.49
N TRP B 484 -28.14 6.75 -2.60
CA TRP B 484 -27.91 5.33 -2.40
C TRP B 484 -28.04 4.55 -3.69
N VAL B 485 -27.14 3.59 -3.83
CA VAL B 485 -27.24 2.53 -4.83
C VAL B 485 -28.35 1.57 -4.35
N LYS B 486 -28.55 0.41 -4.99
CA LYS B 486 -29.63 -0.52 -4.63
C LYS B 486 -29.62 -1.02 -3.17
N ASN B 487 -28.48 -1.55 -2.76
CA ASN B 487 -28.25 -2.18 -1.47
C ASN B 487 -27.06 -1.53 -0.79
N PRO B 488 -27.23 -0.27 -0.36
CA PRO B 488 -26.09 0.54 0.10
C PRO B 488 -25.37 0.07 1.34
N LEU B 489 -26.01 -0.69 2.22
CA LEU B 489 -25.32 -1.26 3.37
C LEU B 489 -24.40 -2.39 3.00
N GLN B 490 -24.75 -3.11 1.94
CA GLN B 490 -23.91 -4.25 1.49
C GLN B 490 -22.82 -3.93 0.44
N ASP B 491 -23.19 -3.13 -0.56
CA ASP B 491 -22.40 -2.95 -1.76
C ASP B 491 -22.48 -1.50 -2.17
N SER B 492 -21.35 -0.80 -2.05
CA SER B 492 -21.22 0.64 -2.41
C SER B 492 -20.84 0.92 -3.88
N ARG B 493 -20.67 -0.12 -4.69
CA ARG B 493 -20.33 0.02 -6.10
C ARG B 493 -21.53 0.53 -6.90
N PHE B 494 -21.27 1.06 -8.10
CA PHE B 494 -22.36 1.58 -8.96
C PHE B 494 -21.98 1.39 -10.45
N THR B 495 -22.91 1.67 -11.35
CA THR B 495 -22.67 1.52 -12.78
C THR B 495 -21.81 2.66 -13.34
N ALA B 496 -21.48 3.65 -12.51
CA ALA B 496 -20.53 4.69 -12.82
C ALA B 496 -19.75 5.07 -11.54
N TRP B 497 -18.49 5.46 -11.77
CA TRP B 497 -17.59 6.04 -10.80
C TRP B 497 -17.12 5.05 -9.77
N ALA B 498 -16.05 5.41 -9.07
CA ALA B 498 -15.59 4.63 -7.92
C ALA B 498 -16.63 4.50 -6.80
N ALA B 499 -16.53 3.35 -6.14
CA ALA B 499 -17.45 3.00 -5.06
C ALA B 499 -17.41 4.05 -3.98
N GLY B 500 -18.58 4.39 -3.49
CA GLY B 500 -18.71 5.42 -2.45
C GLY B 500 -18.84 6.84 -2.94
N ASP B 501 -18.66 7.04 -4.27
CA ASP B 501 -18.82 8.38 -4.85
C ASP B 501 -20.25 8.91 -4.63
N THR B 502 -21.25 8.00 -4.56
CA THR B 502 -22.65 8.41 -4.50
C THR B 502 -23.29 8.58 -3.12
N TYR B 503 -22.60 8.26 -2.02
CA TYR B 503 -23.17 8.50 -0.69
C TYR B 503 -22.15 8.35 0.42
N MET B 504 -22.38 9.05 1.51
CA MET B 504 -21.48 8.92 2.68
C MET B 504 -22.16 8.64 4.00
N ILE B 505 -23.49 8.50 3.95
CA ILE B 505 -24.33 8.07 5.07
C ILE B 505 -25.20 6.89 4.62
N TYR B 506 -25.62 6.09 5.60
CA TYR B 506 -26.23 4.80 5.37
C TYR B 506 -27.60 4.66 5.98
N PRO B 507 -28.42 3.73 5.44
CA PRO B 507 -29.74 3.44 6.06
C PRO B 507 -29.63 3.17 7.57
N GLY B 508 -30.67 3.61 8.28
CA GLY B 508 -30.71 3.57 9.72
C GLY B 508 -30.12 4.80 10.35
N ALA B 509 -29.98 5.87 9.56
CA ALA B 509 -29.27 7.06 9.98
C ALA B 509 -27.89 6.68 10.56
N ARG B 510 -27.16 5.84 9.82
CA ARG B 510 -25.85 5.37 10.22
C ARG B 510 -24.82 6.25 9.49
N SER B 511 -23.88 6.78 10.25
CA SER B 511 -22.76 7.52 9.71
C SER B 511 -21.72 6.58 9.06
N SER B 512 -20.69 7.21 8.53
CA SER B 512 -19.51 6.52 8.00
C SER B 512 -18.24 7.04 8.65
N ILE B 513 -17.19 6.23 8.53
CA ILE B 513 -15.86 6.68 8.90
C ILE B 513 -15.53 7.96 8.16
N ARG B 514 -15.93 8.03 6.88
CA ARG B 514 -15.72 9.21 6.07
C ARG B 514 -16.42 10.48 6.67
N LEU B 515 -17.69 10.38 7.01
CA LEU B 515 -18.42 11.51 7.61
C LEU B 515 -17.87 11.94 8.98
N GLU B 516 -17.54 10.96 9.79
CA GLU B 516 -16.95 11.22 11.11
C GLU B 516 -15.61 11.90 11.01
N ARG B 517 -14.75 11.44 10.09
CA ARG B 517 -13.46 12.07 9.90
C ARG B 517 -13.55 13.48 9.29
N LEU B 518 -14.36 13.67 8.27
CA LEU B 518 -14.63 14.97 7.76
C LEU B 518 -15.09 15.94 8.86
N THR B 519 -15.97 15.47 9.75
CA THR B 519 -16.57 16.31 10.81
C THR B 519 -15.46 16.71 11.83
N GLU B 520 -14.47 15.85 12.03
CA GLU B 520 -13.35 16.20 12.93
C GLU B 520 -12.51 17.31 12.28
N GLY B 521 -12.29 17.14 10.99
CA GLY B 521 -11.62 18.14 10.22
C GLY B 521 -12.37 19.47 10.31
N ILE B 522 -13.71 19.44 10.21
CA ILE B 522 -14.51 20.70 10.26
C ILE B 522 -14.39 21.39 11.60
N GLN B 523 -14.33 20.59 12.65
CA GLN B 523 -14.17 21.09 13.99
C GLN B 523 -12.82 21.73 14.16
N PHE B 524 -11.80 21.09 13.61
CA PHE B 524 -10.48 21.72 13.66
C PHE B 524 -10.39 23.01 12.85
N PHE B 525 -11.18 23.09 11.76
CA PHE B 525 -11.25 24.31 10.94
C PHE B 525 -11.79 25.40 11.83
N GLU B 526 -12.79 25.07 12.60
CA GLU B 526 -13.39 26.05 13.53
C GLU B 526 -12.38 26.40 14.66
N LYS B 527 -11.68 25.42 15.20
CA LYS B 527 -10.66 25.75 16.22
C LYS B 527 -9.61 26.74 15.65
N VAL B 528 -9.22 26.55 14.40
CA VAL B 528 -8.27 27.43 13.74
C VAL B 528 -8.83 28.83 13.59
N ARG B 529 -10.10 28.93 13.19
CA ARG B 529 -10.78 30.22 13.07
C ARG B 529 -10.70 30.95 14.41
N ILE B 530 -11.09 30.22 15.47
CA ILE B 530 -11.20 30.74 16.84
C ILE B 530 -9.84 31.20 17.41
N LEU B 531 -8.82 30.38 17.17
CA LEU B 531 -7.46 30.66 17.61
C LEU B 531 -6.88 31.85 16.88
N LYS B 532 -7.11 31.95 15.58
CA LYS B 532 -6.63 33.10 14.84
C LYS B 532 -7.31 34.42 15.21
N GLU B 533 -8.61 34.40 15.53
CA GLU B 533 -9.29 35.61 15.96
C GLU B 533 -8.73 36.16 17.29
N GLU B 534 -8.40 35.23 18.18
CA GLU B 534 -7.86 35.52 19.48
C GLU B 534 -6.43 36.00 19.39
N PHE B 535 -5.63 35.34 18.56
CA PHE B 535 -4.24 35.75 18.39
C PHE B 535 -4.13 37.08 17.65
N GLU B 536 -5.05 37.36 16.73
CA GLU B 536 -5.09 38.69 16.11
C GLU B 536 -5.41 39.78 17.12
N GLU B 537 -6.36 39.52 18.00
CA GLU B 537 -6.72 40.46 19.06
C GLU B 537 -5.56 40.69 20.03
N LYS B 538 -4.95 39.62 20.51
CA LYS B 538 -3.78 39.71 21.38
C LYS B 538 -2.48 40.21 20.72
N GLY B 539 -2.42 40.21 19.39
CA GLY B 539 -1.19 40.53 18.66
C GLY B 539 -0.16 39.39 18.49
N ASN B 540 -0.54 38.15 18.78
CA ASN B 540 0.41 37.06 18.80
C ASN B 540 0.70 36.58 17.38
N LYS B 541 1.56 37.36 16.72
CA LYS B 541 1.85 37.13 15.31
C LYS B 541 2.65 35.86 15.08
N GLY B 542 3.40 35.43 16.08
CA GLY B 542 4.19 34.20 16.02
C GLY B 542 3.35 32.94 15.98
N ALA B 543 2.25 32.94 16.74
CA ALA B 543 1.31 31.82 16.72
C ALA B 543 0.46 31.77 15.42
N ILE B 544 0.10 32.91 14.83
CA ILE B 544 -0.60 32.93 13.52
C ILE B 544 0.28 32.31 12.43
N LYS B 545 1.52 32.77 12.39
CA LYS B 545 2.54 32.23 11.47
C LYS B 545 2.84 30.76 11.68
N ASN B 546 2.84 30.31 12.93
CA ASN B 546 2.99 28.88 13.23
C ASN B 546 1.81 28.01 12.72
N ILE B 547 0.61 28.49 12.93
CA ILE B 547 -0.56 27.86 12.38
C ILE B 547 -0.48 27.82 10.82
N ASP B 548 -0.14 28.94 10.17
CA ASP B 548 -0.05 28.97 8.70
C ASP B 548 1.04 28.07 8.12
N LYS B 549 2.16 27.98 8.82
CA LYS B 549 3.17 27.03 8.46
C LYS B 549 2.59 25.60 8.54
N THR B 550 1.87 25.29 9.61
CA THR B 550 1.25 23.98 9.74
C THR B 550 0.23 23.69 8.58
N LEU B 551 -0.61 24.69 8.26
CA LEU B 551 -1.60 24.53 7.20
C LEU B 551 -1.01 24.23 5.84
N LYS B 552 0.24 24.68 5.59
CA LYS B 552 0.89 24.43 4.31
C LYS B 552 1.11 22.94 4.01
N MET B 553 1.00 22.06 5.00
CA MET B 553 0.99 20.60 4.73
C MET B 553 -0.18 20.13 3.84
N PHE B 554 -1.26 20.93 3.76
CA PHE B 554 -2.50 20.52 3.08
C PHE B 554 -2.60 20.98 1.63
N ASP B 555 -1.54 20.68 0.91
CA ASP B 555 -1.36 21.06 -0.46
C ASP B 555 -1.57 19.81 -1.28
N GLU B 556 -2.43 19.92 -2.28
CA GLU B 556 -2.85 18.75 -3.05
C GLU B 556 -1.70 18.19 -3.84
N SER B 557 -0.66 19.01 -4.03
CA SER B 557 0.57 18.66 -4.73
C SER B 557 1.61 17.96 -3.88
N SER B 558 1.55 18.08 -2.57
CA SER B 558 2.60 17.51 -1.73
C SER B 558 2.17 16.18 -1.04
N MET B 559 1.16 15.52 -1.58
CA MET B 559 0.64 14.33 -0.91
C MET B 559 1.63 13.19 -1.02
N ASP B 560 2.49 13.18 -2.03
CA ASP B 560 3.52 12.16 -2.11
C ASP B 560 4.70 12.42 -1.18
N LYS B 561 4.84 13.62 -0.63
CA LYS B 561 5.87 13.91 0.35
C LYS B 561 5.41 13.84 1.78
N ILE B 562 4.16 14.24 2.01
CA ILE B 562 3.52 14.15 3.31
C ILE B 562 2.16 13.49 3.08
N SER B 563 1.98 12.27 3.61
CA SER B 563 0.70 11.56 3.38
C SER B 563 -0.43 12.35 4.02
N PRO B 564 -1.64 12.24 3.44
CA PRO B 564 -2.74 12.87 4.10
C PRO B 564 -2.89 12.50 5.58
N THR B 565 -2.64 11.26 5.95
CA THR B 565 -2.71 10.83 7.32
C THR B 565 -1.66 11.54 8.20
N THR B 566 -0.43 11.65 7.71
CA THR B 566 0.61 12.31 8.49
C THR B 566 0.28 13.80 8.67
N ALA B 567 -0.15 14.46 7.60
CA ALA B 567 -0.48 15.88 7.66
C ALA B 567 -1.55 16.16 8.73
N VAL B 568 -2.65 15.42 8.66
CA VAL B 568 -3.77 15.53 9.61
C VAL B 568 -3.28 15.34 11.05
N ASN B 569 -2.57 14.25 11.29
CA ASN B 569 -2.10 13.99 12.64
C ASN B 569 -1.15 15.03 13.19
N LYS B 570 -0.17 15.48 12.42
CA LYS B 570 0.75 16.53 12.92
C LYS B 570 -0.07 17.81 13.18
N ALA B 571 -0.98 18.15 12.25
CA ALA B 571 -1.78 19.37 12.40
C ALA B 571 -2.66 19.36 13.64
N LYS B 572 -3.28 18.22 13.94
CA LYS B 572 -4.18 18.17 15.10
C LYS B 572 -3.41 18.37 16.39
N LYS B 573 -2.21 17.81 16.48
CA LYS B 573 -1.37 18.03 17.65
C LYS B 573 -0.95 19.50 17.79
N VAL B 574 -0.52 20.13 16.70
CA VAL B 574 -0.09 21.54 16.77
C VAL B 574 -1.27 22.45 17.28
N ILE B 575 -2.43 22.26 16.68
CA ILE B 575 -3.56 23.04 17.07
C ILE B 575 -3.98 22.82 18.52
N ASN B 576 -3.97 21.57 18.97
CA ASN B 576 -4.35 21.29 20.34
C ASN B 576 -3.35 21.70 21.43
N ARG B 577 -2.12 22.06 21.08
CA ARG B 577 -1.19 22.58 22.09
C ARG B 577 -1.58 23.99 22.53
N TYR B 578 -2.31 24.75 21.70
CA TYR B 578 -2.76 26.12 22.03
C TYR B 578 -3.87 26.22 23.09
C1 EDO C . 1.08 -6.70 -3.75
O1 EDO C . 1.58 -7.98 -4.14
C2 EDO C . 0.90 -6.62 -2.23
O2 EDO C . 1.88 -7.42 -1.50
C1 EDO D . 6.09 -11.50 -4.09
O1 EDO D . 6.57 -12.85 -3.90
C2 EDO D . 6.45 -10.47 -3.00
O2 EDO D . 7.37 -10.85 -1.92
C1 EDO E . -19.75 11.92 -10.35
O1 EDO E . -18.56 12.27 -9.57
C2 EDO E . -20.82 13.02 -10.52
O2 EDO E . -20.30 14.35 -10.36
#